data_5F6C
#
_entry.id   5F6C
#
_cell.length_a   91.619
_cell.length_b   122.562
_cell.length_c   122.195
_cell.angle_alpha   90.00
_cell.angle_beta   99.77
_cell.angle_gamma   90.00
#
_symmetry.space_group_name_H-M   'C 1 2 1'
#
loop_
_entity.id
_entity.type
_entity.pdbx_description
1 polymer 'Ribonuclease E'
2 polymer 'Ribonuclease E'
3 polymer "RNA (5'-R(P*GP*U)-3')"
4 polymer "RNA (5'-R(P*GP*UP*G)-3')"
5 non-polymer 'MAGNESIUM ION'
6 non-polymer 'ZINC ION'
7 water water
#
loop_
_entity_poly.entity_id
_entity_poly.type
_entity_poly.pdbx_seq_one_letter_code
_entity_poly.pdbx_strand_id
1 'polypeptide(L)'
;RHMKRMLINATQQEELRVALVDGQRLYDLDIESPGHEQKKANIYKGKITRIEPSLEAAFVDYGAERHGFLPLKEIAREYF
PANYSAHGRPNIKDVLREGQEVIVQIDKEERGNKGAALTTFISLAGSYLVLMPNNPRAGGISRRIEGDDRTELKEALASL
ELPEGMGLIVRTAGVGKSAEALQWDLSFRLKHWEAIKKAAESRPAPFLIHQESNVIVRAFRDYLRQDIGEILIDNPKVLE
LARQHIAALGRPDFSSKIKLYTGEIPLFSHYQIESQIESAFQREVRLPSGGSIVIDSTEALTAIRINSARATRGGDIEET
AFNTNLEAADEIARQLRLRDLGGLIVIRFIDMTPVRHQRAVENRLREAVRQDRARIQISHISRFGLLEMSRQRLSPSLGE
SSHHVCPRCSGTGTVRDNESLSLSILRLIEEEALKENTQEVHAIVPVPIASYLLNEKRSAVNAIETRQDGVRCVIVPNDQ
METPHYHVLRVRKGEETPTLSYMLPKLHEEAM
;
A
2 'polypeptide(L)'
;RHMKRMLINATQQEELRVALVDGQRLYDLDIESPGHEQKKANIYKGKITRIEPSLEAAFVDYGAERHGFLPLKEIAREYF
PANYSAHGRPNIKDVLREGQEVIVQIDKEERGNKGAALTTFISLAGSYLVLMPNNPRAGGISRRIEGDDRTELKEALASL
ELPEGMGLIVRTAGVGKSAEALQWDLSFRLKHWEAIKKAAESRPAPFLIHQESNVIVRAFRDYLRQDIGEILIDNPKVLE
LARQHIAALGRPDFSSKIKLYTGEIPLFSHYQIESQIESAFQREVRLPSGGSIVIDSTEALTAIRINSARATRGGDIEET
AFNTNLEAADEIARQLRLRDLGGLIVIRFIDMTPVRHQRAVENRLREAVRQDRARIQISHISRFGLLEMSRQRLSPSLGE
SSHHVCPRCSGTGTVRDNESLSLSILRLIEEEALKENTQEVHAIVPVPIASYLLNEKRSAVNAIETRQDGVRCVIVPNDQ
METPHYHVLRVRKGEETPTLSYMLPKLHEEAMA
;
B
3 'polyribonucleotide' GU C
4 'polyribonucleotide' GUG E
#
# COMPACT_ATOMS: atom_id res chain seq x y z
N ARG A 1 32.97 -7.33 24.86
CA ARG A 1 33.05 -5.86 25.14
C ARG A 1 31.94 -5.05 24.42
N HIS A 2 31.93 -3.75 24.70
CA HIS A 2 31.04 -2.82 24.04
C HIS A 2 31.96 -1.96 23.17
N MET A 3 31.69 -1.92 21.88
CA MET A 3 32.51 -1.14 20.98
C MET A 3 31.78 -0.92 19.69
N LYS A 4 32.17 0.10 18.93
CA LYS A 4 31.56 0.35 17.65
C LYS A 4 32.42 -0.47 16.71
N ARG A 5 31.82 -1.43 16.02
CA ARG A 5 32.57 -2.28 15.15
C ARG A 5 31.94 -2.35 13.80
N MET A 6 32.72 -2.70 12.82
CA MET A 6 32.19 -2.87 11.47
C MET A 6 32.50 -4.31 11.03
N LEU A 7 31.47 -5.08 10.74
CA LEU A 7 31.56 -6.52 10.49
C LEU A 7 31.26 -6.83 9.03
N ILE A 8 32.11 -7.60 8.39
CA ILE A 8 31.96 -7.92 6.97
C ILE A 8 32.00 -9.43 6.80
N ASN A 9 31.13 -9.94 5.93
CA ASN A 9 30.86 -11.36 5.85
C ASN A 9 30.88 -11.71 4.37
N ALA A 10 31.91 -12.42 3.97
CA ALA A 10 32.23 -12.53 2.56
C ALA A 10 32.54 -13.98 2.17
N THR A 11 32.10 -14.92 3.00
CA THR A 11 32.16 -16.36 2.70
C THR A 11 31.44 -16.75 1.40
N GLN A 12 30.13 -16.51 1.32
CA GLN A 12 29.38 -17.00 0.19
C GLN A 12 29.50 -15.98 -0.91
N GLN A 13 30.09 -16.34 -2.05
CA GLN A 13 30.20 -15.34 -3.10
C GLN A 13 28.84 -14.87 -3.57
N GLU A 14 27.77 -15.56 -3.21
CA GLU A 14 26.45 -15.09 -3.61
C GLU A 14 26.05 -13.81 -2.86
N GLU A 15 26.48 -13.61 -1.61
CA GLU A 15 26.10 -12.39 -0.93
C GLU A 15 27.16 -11.93 0.04
N LEU A 16 27.59 -10.69 -0.18
CA LEU A 16 28.49 -9.95 0.68
C LEU A 16 27.68 -9.04 1.59
N ARG A 17 27.83 -9.19 2.89
CA ARG A 17 27.03 -8.47 3.87
C ARG A 17 27.93 -7.57 4.72
N VAL A 18 27.50 -6.34 4.98
CA VAL A 18 28.30 -5.37 5.75
C VAL A 18 27.42 -4.88 6.88
N ALA A 19 27.54 -5.46 8.06
CA ALA A 19 26.82 -4.94 9.19
C ALA A 19 27.69 -3.90 9.89
N LEU A 20 27.02 -2.93 10.50
CA LEU A 20 27.64 -1.92 11.35
C LEU A 20 26.98 -2.04 12.72
N VAL A 21 27.75 -2.38 13.75
CA VAL A 21 27.18 -2.64 15.07
C VAL A 21 27.67 -1.57 16.06
N ASP A 22 26.84 -1.26 17.05
CA ASP A 22 27.20 -0.36 18.15
C ASP A 22 27.06 -1.15 19.44
N GLY A 23 28.13 -1.83 19.82
CA GLY A 23 28.15 -2.64 21.02
C GLY A 23 27.72 -4.04 20.71
N GLN A 24 26.46 -4.33 20.98
CA GLN A 24 25.81 -5.58 20.55
C GLN A 24 24.50 -5.34 19.81
N ARG A 25 24.21 -4.09 19.48
CA ARG A 25 22.99 -3.69 18.82
C ARG A 25 23.29 -3.30 17.39
N LEU A 26 22.68 -4.01 16.44
CA LEU A 26 22.89 -3.72 15.03
C LEU A 26 22.30 -2.38 14.60
N TYR A 27 23.13 -1.55 13.98
CA TYR A 27 22.75 -0.22 13.55
C TYR A 27 22.37 -0.16 12.07
N ASP A 28 23.17 -0.72 11.16
CA ASP A 28 22.88 -0.63 9.71
C ASP A 28 23.47 -1.86 9.03
N LEU A 29 22.79 -2.32 7.97
CA LEU A 29 23.16 -3.47 7.17
C LEU A 29 23.20 -3.06 5.71
N ASP A 30 24.04 -3.73 4.93
CA ASP A 30 24.21 -3.44 3.51
C ASP A 30 24.51 -4.77 2.90
N ILE A 31 24.04 -4.99 1.69
CA ILE A 31 24.12 -6.30 1.07
C ILE A 31 24.40 -6.14 -0.42
N GLU A 32 25.34 -6.93 -0.95
CA GLU A 32 25.62 -6.95 -2.37
C GLU A 32 25.50 -8.38 -2.91
N SER A 33 24.67 -8.55 -4.04
CA SER A 33 24.78 -9.76 -4.81
C SER A 33 25.50 -9.44 -6.11
N PRO A 34 26.28 -10.37 -6.65
CA PRO A 34 27.05 -10.08 -7.86
C PRO A 34 26.14 -10.07 -9.10
N GLY A 35 26.72 -9.53 -10.19
CA GLY A 35 26.04 -9.26 -11.43
C GLY A 35 25.58 -7.82 -11.49
N HIS A 36 24.82 -7.54 -12.56
CA HIS A 36 23.89 -6.39 -12.60
C HIS A 36 24.40 -5.16 -11.83
N GLU A 37 25.64 -4.77 -12.11
CA GLU A 37 26.28 -3.67 -11.40
C GLU A 37 25.81 -2.32 -11.95
N GLN A 38 25.68 -1.33 -11.05
CA GLN A 38 25.34 0.06 -11.39
C GLN A 38 26.63 0.90 -11.34
N LYS A 39 27.19 1.20 -12.50
CA LYS A 39 28.50 1.84 -12.62
C LYS A 39 28.38 3.35 -12.77
N LYS A 40 27.59 3.98 -11.92
CA LYS A 40 27.33 5.41 -11.97
C LYS A 40 28.33 6.04 -11.04
N ALA A 41 28.89 7.17 -11.42
CA ALA A 41 29.80 7.95 -10.60
C ALA A 41 31.17 7.29 -10.46
N ASN A 42 31.36 6.09 -11.03
CA ASN A 42 32.68 5.45 -11.08
C ASN A 42 33.70 6.35 -11.78
N ILE A 43 34.95 6.30 -11.33
CA ILE A 43 36.03 7.11 -11.91
C ILE A 43 37.09 6.19 -12.49
N TYR A 44 37.50 6.47 -13.74
CA TYR A 44 38.58 5.68 -14.33
C TYR A 44 39.63 6.59 -14.94
N LYS A 45 40.67 5.96 -15.44
CA LYS A 45 41.60 6.57 -16.39
C LYS A 45 41.43 5.82 -17.70
N GLY A 46 41.31 6.56 -18.82
CA GLY A 46 41.04 5.95 -20.10
C GLY A 46 41.79 6.63 -21.23
N LYS A 47 41.74 6.00 -22.40
CA LYS A 47 42.45 6.46 -23.58
C LYS A 47 41.49 6.89 -24.67
N ILE A 48 41.69 8.08 -25.20
CA ILE A 48 40.94 8.50 -26.38
C ILE A 48 41.22 7.54 -27.53
N THR A 49 40.17 7.16 -28.25
CA THR A 49 40.30 6.22 -29.36
C THR A 49 39.72 6.72 -30.67
N ARG A 50 38.81 7.69 -30.64
CA ARG A 50 38.13 8.12 -31.85
C ARG A 50 37.72 9.56 -31.64
N ILE A 51 38.41 10.50 -32.29
CA ILE A 51 37.98 11.89 -32.34
C ILE A 51 36.85 12.03 -33.36
N GLU A 52 35.84 12.84 -33.04
CA GLU A 52 34.70 13.07 -33.93
C GLU A 52 34.20 14.50 -33.80
N PRO A 53 34.83 15.45 -34.51
CA PRO A 53 34.38 16.85 -34.40
C PRO A 53 33.00 17.14 -34.98
N SER A 54 32.27 16.12 -35.44
CA SER A 54 30.89 16.26 -35.92
C SER A 54 29.86 16.11 -34.81
N LEU A 55 30.09 15.20 -33.88
CA LEU A 55 29.28 15.08 -32.68
C LEU A 55 29.82 15.98 -31.57
N GLU A 56 30.95 16.66 -31.83
CA GLU A 56 31.60 17.54 -30.87
C GLU A 56 32.11 16.76 -29.65
N ALA A 57 32.45 15.48 -29.88
CA ALA A 57 32.68 14.53 -28.80
C ALA A 57 33.83 13.61 -29.19
N ALA A 58 34.16 12.70 -28.28
CA ALA A 58 35.25 11.74 -28.47
C ALA A 58 34.88 10.45 -27.74
N PHE A 59 34.81 9.33 -28.48
CA PHE A 59 34.78 8.03 -27.84
C PHE A 59 36.04 7.86 -26.99
N VAL A 60 35.88 7.29 -25.81
CA VAL A 60 36.99 7.02 -24.91
C VAL A 60 36.94 5.55 -24.50
N ASP A 61 38.04 4.84 -24.67
CA ASP A 61 38.12 3.52 -24.07
C ASP A 61 38.54 3.65 -22.62
N TYR A 62 37.74 3.08 -21.71
CA TYR A 62 38.08 2.95 -20.30
C TYR A 62 38.14 1.50 -19.78
N GLY A 63 38.03 0.49 -20.64
CA GLY A 63 38.05 -0.88 -20.15
C GLY A 63 36.71 -1.54 -20.13
N ALA A 64 35.70 -0.90 -20.67
CA ALA A 64 34.44 -1.54 -20.99
C ALA A 64 34.24 -1.34 -22.47
N GLU A 65 33.39 -2.16 -23.06
CA GLU A 65 33.01 -1.97 -24.45
C GLU A 65 31.49 -1.68 -24.45
N ARG A 66 30.98 -0.65 -25.14
CA ARG A 66 31.71 0.19 -26.10
C ARG A 66 32.42 1.33 -25.37
N HIS A 67 33.04 2.19 -26.17
CA HIS A 67 33.97 3.17 -25.64
C HIS A 67 33.33 4.06 -24.58
N GLY A 68 32.24 4.75 -24.89
CA GLY A 68 31.80 5.80 -23.98
C GLY A 68 32.04 7.19 -24.52
N PHE A 69 31.04 8.05 -24.38
CA PHE A 69 30.86 9.21 -25.24
C PHE A 69 31.15 10.51 -24.46
N LEU A 70 32.26 11.20 -24.81
CA LEU A 70 32.70 12.38 -24.03
C LEU A 70 32.50 13.71 -24.78
N PRO A 71 31.52 14.54 -24.42
CA PRO A 71 31.35 15.83 -25.12
C PRO A 71 32.37 16.88 -24.71
N LEU A 72 32.57 17.84 -25.61
CA LEU A 72 33.56 18.91 -25.37
C LEU A 72 33.15 19.83 -24.20
N LYS A 73 31.87 20.17 -24.09
CA LYS A 73 31.47 20.99 -22.94
C LYS A 73 31.90 20.38 -21.61
N GLU A 74 32.16 19.07 -21.58
CA GLU A 74 32.52 18.36 -20.36
C GLU A 74 34.02 18.10 -20.29
N ILE A 75 34.84 18.95 -20.92
CA ILE A 75 36.31 18.85 -20.87
C ILE A 75 36.88 20.05 -20.11
N ALA A 76 37.65 19.76 -19.07
CA ALA A 76 38.31 20.74 -18.22
C ALA A 76 39.52 21.34 -18.93
N ARG A 77 40.01 22.48 -18.39
CA ARG A 77 41.04 23.22 -19.11
C ARG A 77 42.35 22.46 -19.15
N GLU A 78 42.62 21.65 -18.12
CA GLU A 78 43.87 20.89 -18.04
C GLU A 78 44.10 19.93 -19.22
N TYR A 79 43.07 19.56 -19.96
CA TYR A 79 43.29 18.67 -21.09
C TYR A 79 43.44 19.43 -22.41
N PHE A 80 43.42 20.78 -22.38
CA PHE A 80 43.75 21.51 -23.60
C PHE A 80 45.26 21.59 -23.76
N PRO A 81 45.75 21.87 -25.00
CA PRO A 81 47.20 22.00 -25.23
C PRO A 81 47.86 23.10 -24.41
N ALA A 82 49.09 23.49 -24.75
CA ALA A 82 49.77 24.55 -24.02
C ALA A 82 48.91 25.81 -24.02
N ASN A 83 48.76 26.44 -25.19
CA ASN A 83 47.94 27.64 -25.38
C ASN A 83 46.71 27.28 -26.20
N TYR A 84 45.66 28.09 -26.08
CA TYR A 84 44.51 27.85 -26.92
C TYR A 84 44.13 29.13 -27.66
N SER A 85 43.59 28.92 -28.86
CA SER A 85 43.08 29.97 -29.75
C SER A 85 41.57 29.85 -29.88
N ALA A 86 40.85 30.83 -29.34
CA ALA A 86 39.39 30.81 -29.31
C ALA A 86 38.86 31.22 -30.69
N HIS A 87 38.45 30.24 -31.49
CA HIS A 87 37.61 30.45 -32.67
C HIS A 87 36.23 29.86 -32.41
N GLY A 88 35.72 30.06 -31.19
CA GLY A 88 34.56 29.39 -30.66
C GLY A 88 34.89 28.26 -29.71
N ARG A 89 36.13 27.76 -29.75
CA ARG A 89 36.56 26.60 -29.00
C ARG A 89 35.78 25.35 -29.40
N PRO A 90 35.33 25.18 -30.69
CA PRO A 90 34.28 24.17 -30.94
C PRO A 90 34.74 22.87 -31.57
N ASN A 91 35.94 22.85 -32.15
CA ASN A 91 36.43 21.69 -32.87
C ASN A 91 37.16 20.81 -31.89
N ILE A 92 36.87 19.51 -31.90
CA ILE A 92 37.64 18.58 -31.08
C ILE A 92 39.05 18.46 -31.61
N LYS A 93 39.21 18.41 -32.93
CA LYS A 93 40.54 18.28 -33.50
C LYS A 93 41.51 19.29 -32.90
N ASP A 94 41.00 20.38 -32.31
CA ASP A 94 41.77 21.48 -31.78
C ASP A 94 42.05 21.39 -30.27
N VAL A 95 41.41 20.45 -29.55
CA VAL A 95 41.53 20.34 -28.10
C VAL A 95 42.30 19.10 -27.68
N LEU A 96 42.03 17.96 -28.31
CA LEU A 96 42.69 16.74 -27.89
C LEU A 96 43.02 15.86 -29.08
N ARG A 97 43.92 14.92 -28.84
CA ARG A 97 44.42 13.98 -29.84
C ARG A 97 43.86 12.59 -29.55
N GLU A 98 43.93 11.73 -30.57
CA GLU A 98 43.74 10.31 -30.32
C GLU A 98 44.89 9.80 -29.44
N GLY A 99 44.61 8.76 -28.66
CA GLY A 99 45.62 8.13 -27.83
C GLY A 99 46.13 8.98 -26.69
N GLN A 100 45.45 10.06 -26.36
CA GLN A 100 45.70 10.81 -25.14
C GLN A 100 45.16 10.01 -23.96
N GLU A 101 45.50 10.42 -22.73
CA GLU A 101 44.97 9.76 -21.54
C GLU A 101 44.33 10.77 -20.61
N VAL A 102 43.18 10.42 -20.02
CA VAL A 102 42.34 11.36 -19.31
C VAL A 102 41.66 10.65 -18.15
N ILE A 103 41.38 11.40 -17.08
CA ILE A 103 40.60 10.89 -15.96
C ILE A 103 39.13 11.21 -16.21
N VAL A 104 38.26 10.24 -15.91
CA VAL A 104 36.91 10.19 -16.46
C VAL A 104 35.94 9.59 -15.45
N GLN A 105 34.74 10.16 -15.39
CA GLN A 105 33.66 9.75 -14.48
C GLN A 105 32.44 9.48 -15.34
N ILE A 106 31.50 8.68 -14.82
CA ILE A 106 30.28 8.30 -15.56
C ILE A 106 29.14 9.21 -15.12
N ASP A 107 28.54 9.89 -16.10
CA ASP A 107 27.49 10.86 -15.85
C ASP A 107 26.12 10.28 -16.21
N LYS A 108 26.07 9.41 -17.22
CA LYS A 108 24.88 8.59 -17.48
C LYS A 108 25.33 7.23 -18.01
N GLU A 109 25.29 6.24 -17.15
CA GLU A 109 25.25 4.86 -17.57
C GLU A 109 23.81 4.55 -17.83
N GLU A 110 23.49 3.81 -18.89
CA GLU A 110 24.27 3.57 -20.10
C GLU A 110 23.15 3.46 -21.13
N ARG A 111 22.27 4.47 -21.13
CA ARG A 111 20.93 4.33 -21.69
C ARG A 111 21.03 3.89 -23.15
N GLY A 112 20.32 2.82 -23.49
CA GLY A 112 20.44 2.20 -24.80
C GLY A 112 21.55 1.17 -24.82
N ASN A 113 22.23 1.03 -25.96
CA ASN A 113 23.51 0.32 -26.05
C ASN A 113 24.69 1.24 -26.34
N LYS A 114 24.44 2.42 -26.89
CA LYS A 114 25.41 3.47 -27.08
C LYS A 114 26.37 3.52 -25.89
N GLY A 115 27.62 3.93 -26.13
CA GLY A 115 28.55 4.16 -25.03
C GLY A 115 27.97 4.97 -23.89
N ALA A 116 28.60 4.90 -22.71
CA ALA A 116 28.17 5.65 -21.52
C ALA A 116 28.68 7.09 -21.52
N ALA A 117 27.80 8.02 -21.16
CA ALA A 117 28.19 9.43 -21.18
C ALA A 117 29.24 9.66 -20.14
N LEU A 118 30.20 10.53 -20.46
CA LEU A 118 31.36 10.74 -19.60
C LEU A 118 31.54 12.24 -19.34
N THR A 119 32.32 12.53 -18.31
CA THR A 119 32.72 13.88 -17.97
C THR A 119 34.12 13.85 -17.37
N THR A 120 34.99 14.76 -17.81
CA THR A 120 36.20 15.03 -17.03
C THR A 120 35.91 15.82 -15.75
N PHE A 121 34.76 16.51 -15.62
CA PHE A 121 34.49 17.27 -14.39
C PHE A 121 34.04 16.29 -13.31
N ILE A 122 34.92 16.02 -12.37
CA ILE A 122 34.70 14.98 -11.36
C ILE A 122 33.97 15.57 -10.17
N SER A 123 33.03 14.78 -9.65
CA SER A 123 32.23 15.14 -8.47
C SER A 123 32.38 14.05 -7.43
N LEU A 124 32.80 14.44 -6.23
CA LEU A 124 33.03 13.54 -5.09
C LEU A 124 32.10 13.97 -3.95
N ALA A 125 31.02 13.22 -3.72
CA ALA A 125 29.99 13.61 -2.76
C ALA A 125 30.22 13.00 -1.40
N GLY A 126 29.64 13.67 -0.40
CA GLY A 126 29.74 13.24 0.99
C GLY A 126 28.42 13.34 1.73
N SER A 127 28.49 13.25 3.06
CA SER A 127 27.31 13.49 3.87
C SER A 127 26.94 14.97 3.85
N TYR A 128 27.95 15.84 3.94
CA TYR A 128 27.76 17.29 3.99
C TYR A 128 27.98 17.96 2.64
N LEU A 129 29.09 17.65 1.95
CA LEU A 129 29.46 18.50 0.84
C LEU A 129 30.09 17.75 -0.31
N VAL A 130 29.81 18.28 -1.50
CA VAL A 130 30.17 17.72 -2.79
C VAL A 130 31.31 18.56 -3.35
N LEU A 131 32.51 17.97 -3.41
CA LEU A 131 33.69 18.65 -3.92
C LEU A 131 33.85 18.35 -5.40
N MET A 132 33.79 19.36 -6.26
CA MET A 132 34.16 19.12 -7.64
C MET A 132 35.54 19.76 -7.79
N PRO A 133 36.63 19.00 -7.86
CA PRO A 133 37.97 19.60 -7.82
C PRO A 133 38.46 20.11 -9.17
N ASN A 134 37.64 19.97 -10.19
CA ASN A 134 38.02 20.20 -11.56
C ASN A 134 37.35 21.44 -12.13
N ASN A 135 36.47 22.09 -11.38
CA ASN A 135 35.47 23.01 -11.93
C ASN A 135 35.25 24.19 -11.00
N PRO A 136 35.90 25.34 -11.26
CA PRO A 136 35.68 26.51 -10.38
C PRO A 136 34.31 27.13 -10.56
N ARG A 137 33.70 26.98 -11.74
CA ARG A 137 32.39 27.54 -12.01
C ARG A 137 31.47 27.02 -10.91
N ALA A 138 31.09 25.76 -11.02
CA ALA A 138 30.00 25.18 -10.22
C ALA A 138 30.31 25.22 -8.74
N GLY A 139 29.43 25.88 -8.01
CA GLY A 139 29.48 25.90 -6.56
C GLY A 139 28.23 26.57 -6.05
N GLY A 140 27.78 26.19 -4.86
CA GLY A 140 26.59 26.79 -4.31
C GLY A 140 26.27 26.27 -2.93
N ILE A 141 25.01 26.44 -2.54
CA ILE A 141 24.44 25.81 -1.36
C ILE A 141 23.13 25.19 -1.79
N SER A 142 22.81 24.02 -1.23
CA SER A 142 21.66 23.24 -1.67
C SER A 142 20.44 24.11 -1.64
N ARG A 143 19.52 23.86 -2.55
CA ARG A 143 18.30 24.66 -2.61
C ARG A 143 17.46 24.61 -1.33
N ARG A 144 17.39 23.45 -0.71
CA ARG A 144 16.54 23.27 0.46
C ARG A 144 16.86 24.20 1.60
N ILE A 145 18.10 24.58 1.74
CA ILE A 145 18.48 25.48 2.82
C ILE A 145 17.95 26.91 2.66
N GLU A 146 17.60 27.52 3.80
CA GLU A 146 17.05 28.87 3.86
C GLU A 146 17.11 29.43 5.26
N GLY A 147 16.51 30.60 5.41
CA GLY A 147 16.42 31.26 6.69
C GLY A 147 17.77 31.77 7.11
N ASP A 148 17.93 31.99 8.40
CA ASP A 148 19.19 32.44 8.92
C ASP A 148 20.22 31.35 8.64
N ASP A 149 19.75 30.13 8.38
CA ASP A 149 20.65 29.04 8.11
C ASP A 149 21.54 29.34 6.91
N ARG A 150 20.95 29.83 5.83
CA ARG A 150 21.77 30.09 4.65
C ARG A 150 22.82 31.11 4.99
N THR A 151 22.44 32.17 5.69
CA THR A 151 23.43 33.18 6.04
C THR A 151 24.46 32.57 6.94
N GLU A 152 24.01 31.81 7.94
CA GLU A 152 24.96 31.19 8.83
C GLU A 152 25.79 30.19 8.08
N LEU A 153 25.12 29.42 7.23
CA LEU A 153 25.81 28.39 6.46
C LEU A 153 26.78 28.95 5.48
N LYS A 154 26.34 29.94 4.71
CA LYS A 154 27.26 30.53 3.74
C LYS A 154 28.35 31.37 4.41
N GLU A 155 28.19 31.70 5.71
CA GLU A 155 29.21 32.36 6.51
C GLU A 155 30.20 31.36 7.13
N ALA A 156 29.77 30.12 7.34
CA ALA A 156 30.68 29.02 7.67
C ALA A 156 31.18 28.29 6.44
N LEU A 157 30.67 28.62 5.23
CA LEU A 157 31.11 28.08 3.92
C LEU A 157 32.31 28.79 3.30
N ALA A 158 32.39 30.11 3.34
CA ALA A 158 33.56 30.73 2.76
C ALA A 158 34.78 30.61 3.65
N SER A 159 34.59 30.37 4.96
CA SER A 159 35.67 30.32 5.96
C SER A 159 36.71 29.23 5.74
N LEU A 160 36.71 28.60 4.57
CA LEU A 160 37.37 27.31 4.38
C LEU A 160 38.58 27.48 3.48
N GLU A 161 39.67 26.81 3.85
CA GLU A 161 40.84 26.73 2.98
C GLU A 161 40.56 25.74 1.85
N LEU A 162 39.76 26.23 0.89
CA LEU A 162 39.42 25.50 -0.31
C LEU A 162 40.40 25.87 -1.43
N PRO A 163 41.23 24.95 -1.91
CA PRO A 163 42.18 25.25 -3.00
C PRO A 163 41.64 26.07 -4.17
N GLU A 164 42.52 26.74 -4.91
CA GLU A 164 42.09 27.71 -5.92
C GLU A 164 41.94 26.97 -7.24
N GLY A 165 40.72 26.94 -7.78
CA GLY A 165 40.41 26.29 -9.04
C GLY A 165 39.45 25.13 -8.90
N MET A 166 39.20 24.70 -7.69
CA MET A 166 38.15 23.77 -7.34
C MET A 166 36.91 24.55 -6.94
N GLY A 167 35.76 23.92 -7.05
CA GLY A 167 34.54 24.47 -6.51
C GLY A 167 33.76 23.40 -5.77
N LEU A 168 33.12 23.80 -4.67
CA LEU A 168 32.36 22.85 -3.86
C LEU A 168 30.92 23.33 -3.65
N ILE A 169 30.06 22.36 -3.28
CA ILE A 169 28.62 22.50 -3.04
C ILE A 169 28.33 22.04 -1.62
N VAL A 170 27.45 22.79 -0.86
CA VAL A 170 26.97 22.34 0.45
C VAL A 170 25.73 21.50 0.19
N ARG A 171 25.45 20.51 1.03
CA ARG A 171 24.33 19.61 0.76
C ARG A 171 23.18 19.75 1.76
N THR A 172 22.01 19.24 1.33
CA THR A 172 20.78 19.33 2.13
C THR A 172 21.08 19.10 3.61
N ALA A 173 21.83 18.03 3.90
CA ALA A 173 22.22 17.58 5.24
C ALA A 173 23.33 18.42 5.87
N GLY A 174 23.56 19.67 5.44
CA GLY A 174 24.72 20.39 5.88
C GLY A 174 24.38 21.53 6.80
N VAL A 175 23.09 21.84 6.90
CA VAL A 175 22.59 22.92 7.73
C VAL A 175 23.10 22.75 9.15
N GLY A 176 23.23 23.84 9.89
CA GLY A 176 23.65 23.77 11.28
C GLY A 176 25.11 23.40 11.48
N LYS A 177 25.71 22.76 10.46
CA LYS A 177 27.07 22.27 10.59
C LYS A 177 28.01 23.41 10.95
N SER A 178 28.96 23.08 11.82
CA SER A 178 29.97 23.98 12.37
C SER A 178 31.00 24.38 11.31
N ALA A 179 31.81 25.39 11.62
CA ALA A 179 32.78 25.87 10.63
C ALA A 179 33.97 24.95 10.51
N GLU A 180 34.27 24.13 11.52
CA GLU A 180 35.37 23.20 11.42
C GLU A 180 34.87 21.77 11.26
N ALA A 181 33.56 21.56 11.44
CA ALA A 181 32.93 20.32 11.02
C ALA A 181 32.86 20.21 9.50
N LEU A 182 32.74 21.34 8.80
CA LEU A 182 32.82 21.33 7.34
C LEU A 182 34.25 21.21 6.81
N GLN A 183 35.28 21.54 7.57
CA GLN A 183 36.61 21.14 7.11
C GLN A 183 36.93 19.72 7.48
N TRP A 184 36.07 19.11 8.27
CA TRP A 184 36.33 17.73 8.59
C TRP A 184 35.86 16.85 7.45
N ASP A 185 34.73 17.20 6.85
CA ASP A 185 34.26 16.42 5.74
C ASP A 185 34.95 16.86 4.45
N LEU A 186 35.59 18.04 4.41
CA LEU A 186 36.36 18.43 3.23
C LEU A 186 37.76 17.79 3.19
N SER A 187 38.42 17.57 4.33
CA SER A 187 39.69 16.84 4.25
C SER A 187 39.46 15.43 3.73
N PHE A 188 38.39 14.78 4.21
CA PHE A 188 38.03 13.46 3.67
C PHE A 188 37.95 13.49 2.14
N ARG A 189 37.33 14.52 1.56
CA ARG A 189 37.14 14.54 0.11
C ARG A 189 38.45 14.81 -0.64
N LEU A 190 39.25 15.81 -0.25
CA LEU A 190 40.39 16.10 -1.11
C LEU A 190 41.62 15.25 -0.76
N LYS A 191 41.60 14.57 0.38
CA LYS A 191 42.49 13.42 0.52
C LYS A 191 42.18 12.38 -0.55
N HIS A 192 40.88 12.13 -0.80
CA HIS A 192 40.47 11.23 -1.88
C HIS A 192 41.08 11.68 -3.21
N TRP A 193 41.02 12.98 -3.47
CA TRP A 193 41.41 13.52 -4.77
C TRP A 193 42.89 13.33 -5.01
N GLU A 194 43.72 13.56 -3.99
CA GLU A 194 45.14 13.26 -4.10
C GLU A 194 45.40 11.79 -4.44
N ALA A 195 44.63 10.88 -3.82
CA ALA A 195 44.79 9.47 -4.11
C ALA A 195 44.28 9.09 -5.48
N ILE A 196 43.23 9.76 -5.97
CA ILE A 196 42.75 9.45 -7.30
C ILE A 196 43.81 9.82 -8.34
N LYS A 197 44.51 10.94 -8.12
CA LYS A 197 45.60 11.31 -9.01
C LYS A 197 46.82 10.43 -8.77
N LYS A 198 47.19 10.20 -7.51
CA LYS A 198 48.30 9.28 -7.21
C LYS A 198 48.17 8.03 -8.04
N ALA A 199 47.01 7.38 -7.98
CA ALA A 199 46.73 6.19 -8.77
C ALA A 199 46.45 6.49 -10.23
N ALA A 200 46.50 7.76 -10.65
CA ALA A 200 46.30 8.11 -12.05
C ALA A 200 47.63 8.06 -12.81
N GLU A 201 48.64 8.81 -12.33
CA GLU A 201 50.00 8.65 -12.86
C GLU A 201 50.57 7.27 -12.54
N SER A 202 50.14 6.64 -11.45
CA SER A 202 50.67 5.34 -11.02
C SER A 202 50.89 4.42 -12.21
N ARG A 203 49.96 4.37 -13.15
CA ARG A 203 50.12 3.50 -14.28
C ARG A 203 49.35 3.95 -15.49
N PRO A 204 49.82 3.49 -16.69
CA PRO A 204 49.09 3.98 -17.86
C PRO A 204 48.31 2.90 -18.53
N ALA A 205 47.05 3.19 -18.83
CA ALA A 205 46.13 2.24 -19.47
C ALA A 205 44.75 2.65 -19.09
N PRO A 206 43.75 1.71 -19.26
CA PRO A 206 42.45 2.10 -18.77
C PRO A 206 42.17 1.23 -17.54
N PHE A 207 41.74 1.80 -16.42
CA PHE A 207 41.48 0.97 -15.25
C PHE A 207 40.52 1.65 -14.28
N LEU A 208 39.97 0.87 -13.34
CA LEU A 208 39.05 1.43 -12.34
C LEU A 208 39.78 2.09 -11.16
N ILE A 209 39.44 3.36 -10.86
CA ILE A 209 40.10 4.13 -9.81
C ILE A 209 39.20 4.31 -8.59
N HIS A 210 37.91 4.52 -8.82
CA HIS A 210 36.91 4.59 -7.76
C HIS A 210 35.66 3.89 -8.26
N GLN A 211 35.13 3.03 -7.42
CA GLN A 211 33.97 2.19 -7.72
C GLN A 211 32.82 2.58 -6.80
N GLU A 212 32.06 3.62 -7.17
CA GLU A 212 31.01 4.17 -6.30
C GLU A 212 30.01 3.11 -5.83
N SER A 213 29.72 2.13 -6.66
CA SER A 213 28.67 1.18 -6.36
C SER A 213 29.04 0.26 -5.20
N ASN A 214 30.33 -0.06 -5.05
CA ASN A 214 30.82 -1.15 -4.17
C ASN A 214 30.47 -0.92 -2.71
N VAL A 215 30.11 -2.02 -2.05
CA VAL A 215 29.44 -1.96 -0.74
C VAL A 215 30.40 -1.40 0.26
N ILE A 216 31.63 -1.89 0.18
CA ILE A 216 32.67 -1.62 1.17
C ILE A 216 33.07 -0.16 1.07
N VAL A 217 33.56 0.24 -0.11
CA VAL A 217 33.89 1.63 -0.32
C VAL A 217 32.73 2.54 0.11
N ARG A 218 31.52 2.36 -0.45
CA ARG A 218 30.36 3.10 0.10
C ARG A 218 30.30 3.02 1.63
N ALA A 219 30.66 1.88 2.22
CA ALA A 219 30.52 1.77 3.67
C ALA A 219 31.73 2.33 4.37
N PHE A 220 32.91 2.30 3.73
CA PHE A 220 34.09 2.96 4.29
C PHE A 220 33.94 4.48 4.28
N ARG A 221 33.46 5.01 3.15
CA ARG A 221 33.38 6.44 2.97
C ARG A 221 32.37 7.09 3.91
N ASP A 222 31.25 6.43 4.16
CA ASP A 222 30.14 7.03 4.88
C ASP A 222 30.19 6.75 6.38
N TYR A 223 30.83 5.69 6.80
CA TYR A 223 30.77 5.29 8.19
C TYR A 223 32.11 5.04 8.86
N LEU A 224 33.22 5.23 8.18
CA LEU A 224 34.49 4.88 8.80
C LEU A 224 35.14 6.12 9.43
N ARG A 225 34.89 6.27 10.74
CA ARG A 225 35.31 7.36 11.60
C ARG A 225 36.10 6.74 12.76
N GLN A 226 36.73 7.54 13.61
CA GLN A 226 37.68 6.87 14.50
C GLN A 226 37.04 6.27 15.75
N ASP A 227 35.72 6.43 15.95
CA ASP A 227 35.04 5.70 17.02
C ASP A 227 34.72 4.27 16.63
N ILE A 228 35.22 3.82 15.50
CA ILE A 228 35.07 2.44 15.08
C ILE A 228 36.30 1.70 15.59
N GLY A 229 36.07 0.79 16.52
CA GLY A 229 37.13 0.02 17.10
C GLY A 229 37.80 -0.85 16.08
N GLU A 230 37.03 -1.70 15.43
CA GLU A 230 37.61 -2.72 14.59
C GLU A 230 36.85 -2.77 13.29
N ILE A 231 37.47 -3.35 12.29
CA ILE A 231 36.74 -3.72 11.09
C ILE A 231 37.03 -5.20 10.84
N LEU A 232 36.27 -6.08 11.49
CA LEU A 232 36.47 -7.51 11.37
C LEU A 232 36.02 -8.00 9.99
N ILE A 233 36.86 -8.80 9.31
CA ILE A 233 36.54 -9.42 8.03
C ILE A 233 36.83 -10.93 8.04
N ASP A 234 36.05 -11.71 7.32
CA ASP A 234 36.16 -13.15 7.47
C ASP A 234 36.61 -13.86 6.21
N ASN A 235 36.70 -13.16 5.09
CA ASN A 235 37.26 -13.75 3.88
C ASN A 235 38.56 -13.05 3.45
N PRO A 236 39.71 -13.72 3.48
CA PRO A 236 40.98 -13.00 3.26
C PRO A 236 41.20 -12.43 1.86
N LYS A 237 40.46 -12.88 0.84
CA LYS A 237 40.64 -12.26 -0.47
C LYS A 237 39.99 -10.90 -0.46
N VAL A 238 38.92 -10.77 0.33
CA VAL A 238 38.17 -9.55 0.54
C VAL A 238 38.95 -8.58 1.45
N LEU A 239 39.59 -9.08 2.51
CA LEU A 239 40.41 -8.20 3.34
C LEU A 239 41.55 -7.55 2.55
N GLU A 240 42.13 -8.28 1.57
CA GLU A 240 43.16 -7.68 0.70
C GLU A 240 42.62 -6.42 0.03
N LEU A 241 41.47 -6.55 -0.64
CA LEU A 241 40.83 -5.44 -1.37
C LEU A 241 40.33 -4.39 -0.40
N ALA A 242 39.84 -4.81 0.77
CA ALA A 242 39.43 -3.84 1.77
C ALA A 242 40.56 -2.89 2.12
N ARG A 243 41.83 -3.36 1.97
CA ARG A 243 42.97 -2.49 2.12
C ARG A 243 43.25 -1.68 0.86
N GLN A 244 43.25 -2.32 -0.32
CA GLN A 244 43.42 -1.55 -1.56
C GLN A 244 42.40 -0.38 -1.66
N HIS A 245 41.19 -0.55 -1.09
CA HIS A 245 40.15 0.48 -1.17
C HIS A 245 40.46 1.64 -0.25
N ILE A 246 40.85 1.35 0.96
CA ILE A 246 41.04 2.45 1.88
C ILE A 246 42.31 3.21 1.54
N ALA A 247 43.31 2.54 0.97
CA ALA A 247 44.35 3.24 0.23
C ALA A 247 43.73 4.23 -0.75
N ALA A 248 42.75 3.77 -1.54
CA ALA A 248 42.19 4.57 -2.63
C ALA A 248 41.33 5.76 -2.15
N LEU A 249 40.59 5.62 -1.05
CA LEU A 249 39.88 6.74 -0.46
C LEU A 249 40.81 7.72 0.22
N GLY A 250 42.11 7.45 0.12
CA GLY A 250 43.17 8.22 0.73
C GLY A 250 43.16 8.28 2.25
N ARG A 251 42.93 7.18 2.93
CA ARG A 251 42.82 7.24 4.37
C ARG A 251 43.53 6.04 4.99
N PRO A 252 44.82 5.84 4.66
CA PRO A 252 45.51 4.62 5.08
C PRO A 252 45.93 4.60 6.53
N ASP A 253 45.52 5.59 7.33
CA ASP A 253 45.61 5.49 8.78
C ASP A 253 44.72 4.35 9.28
N PHE A 254 43.40 4.47 9.05
CA PHE A 254 42.39 3.49 9.50
C PHE A 254 42.65 2.08 9.03
N SER A 255 43.56 1.88 8.11
CA SER A 255 43.81 0.54 7.62
C SER A 255 44.21 -0.39 8.76
N SER A 256 44.69 0.17 9.87
CA SER A 256 45.16 -0.65 10.99
C SER A 256 44.01 -1.35 11.70
N LYS A 257 42.84 -0.69 11.79
CA LYS A 257 41.66 -1.21 12.47
C LYS A 257 41.14 -2.47 11.80
N ILE A 258 41.58 -2.74 10.57
CA ILE A 258 41.11 -3.87 9.76
C ILE A 258 41.73 -5.15 10.28
N LYS A 259 41.17 -5.72 11.34
CA LYS A 259 41.56 -7.07 11.76
C LYS A 259 40.92 -8.07 10.79
N LEU A 260 41.15 -9.34 11.03
CA LEU A 260 40.55 -10.45 10.31
C LEU A 260 39.93 -11.39 11.34
N TYR A 261 38.98 -12.19 10.89
CA TYR A 261 38.32 -13.10 11.77
C TYR A 261 38.55 -14.53 11.36
N THR A 262 39.06 -15.35 12.28
CA THR A 262 39.31 -16.74 11.98
C THR A 262 38.53 -17.69 12.87
N GLY A 263 37.75 -17.15 13.78
CA GLY A 263 37.00 -17.95 14.70
C GLY A 263 36.03 -18.84 13.97
N GLU A 264 35.77 -20.01 14.54
CA GLU A 264 34.88 -20.99 13.92
C GLU A 264 33.42 -20.57 13.79
N ILE A 265 32.88 -19.94 14.82
CA ILE A 265 31.48 -19.54 14.79
C ILE A 265 31.28 -18.51 13.71
N PRO A 266 30.28 -18.68 12.89
CA PRO A 266 30.09 -17.69 11.82
C PRO A 266 30.00 -16.28 12.39
N LEU A 267 30.67 -15.33 11.74
CA LEU A 267 30.99 -14.06 12.40
C LEU A 267 29.76 -13.37 12.99
N PHE A 268 28.67 -13.23 12.22
CA PHE A 268 27.51 -12.52 12.73
C PHE A 268 26.87 -13.23 13.91
N SER A 269 26.85 -14.56 13.94
CA SER A 269 26.25 -15.24 15.09
C SER A 269 27.11 -15.10 16.33
N HIS A 270 28.44 -15.07 16.17
CA HIS A 270 29.30 -14.85 17.33
C HIS A 270 28.97 -13.53 18.00
N TYR A 271 29.02 -12.41 17.22
CA TYR A 271 28.68 -11.07 17.70
C TYR A 271 27.18 -10.86 17.92
N GLN A 272 26.37 -11.88 17.67
CA GLN A 272 24.95 -11.94 18.02
C GLN A 272 24.15 -10.79 17.41
N ILE A 273 24.32 -10.60 16.12
CA ILE A 273 23.43 -9.75 15.34
C ILE A 273 22.65 -10.59 14.32
N GLU A 274 22.63 -11.91 14.46
CA GLU A 274 22.01 -12.61 13.35
C GLU A 274 20.49 -12.59 13.49
N SER A 275 19.99 -12.60 14.75
CA SER A 275 18.55 -12.44 14.97
C SER A 275 18.05 -11.13 14.41
N GLN A 276 18.86 -10.07 14.50
CA GLN A 276 18.32 -8.74 14.18
C GLN A 276 18.31 -8.50 12.68
N ILE A 277 19.27 -9.07 11.95
CA ILE A 277 19.21 -9.14 10.49
C ILE A 277 17.98 -9.89 10.01
N GLU A 278 17.47 -10.83 10.80
CA GLU A 278 16.23 -11.45 10.42
C GLU A 278 15.00 -10.60 10.76
N SER A 279 15.07 -9.63 11.67
CA SER A 279 13.86 -8.80 11.77
C SER A 279 13.75 -7.84 10.59
N ALA A 280 14.84 -7.64 9.87
CA ALA A 280 14.77 -6.95 8.58
C ALA A 280 13.79 -7.62 7.63
N PHE A 281 13.67 -8.93 7.71
CA PHE A 281 12.94 -9.71 6.72
C PHE A 281 11.48 -9.92 7.11
N GLN A 282 11.07 -9.43 8.27
CA GLN A 282 9.70 -9.62 8.71
C GLN A 282 8.83 -8.57 8.05
N ARG A 283 7.59 -8.49 8.53
CA ARG A 283 6.64 -7.45 8.26
C ARG A 283 6.22 -6.80 9.56
N GLU A 284 5.89 -7.60 10.56
CA GLU A 284 5.43 -7.10 11.85
C GLU A 284 6.56 -7.23 12.84
N VAL A 285 7.31 -6.13 13.03
CA VAL A 285 8.43 -6.02 13.99
C VAL A 285 7.92 -5.65 15.38
N ARG A 286 8.08 -6.53 16.38
CA ARG A 286 7.49 -6.21 17.69
C ARG A 286 8.37 -5.17 18.34
N LEU A 287 7.77 -4.35 19.17
CA LEU A 287 8.49 -3.29 19.84
C LEU A 287 8.79 -3.70 21.25
N PRO A 288 9.72 -3.03 21.90
CA PRO A 288 10.10 -3.41 23.26
C PRO A 288 8.96 -3.56 24.27
N SER A 289 7.82 -2.91 24.05
CA SER A 289 6.70 -2.88 25.01
C SER A 289 5.44 -3.51 24.43
N GLY A 290 5.57 -4.53 23.61
CA GLY A 290 4.38 -5.19 23.14
C GLY A 290 3.65 -4.45 22.05
N GLY A 291 4.16 -3.31 21.63
CA GLY A 291 3.68 -2.67 20.43
C GLY A 291 4.26 -3.33 19.22
N SER A 292 3.86 -2.83 18.07
CA SER A 292 4.33 -3.41 16.82
C SER A 292 4.26 -2.35 15.74
N ILE A 293 5.10 -2.54 14.73
CA ILE A 293 5.07 -1.73 13.51
C ILE A 293 5.01 -2.72 12.36
N VAL A 294 4.50 -2.25 11.23
CA VAL A 294 3.99 -3.09 10.19
C VAL A 294 4.35 -2.38 8.90
N ILE A 295 5.26 -2.96 8.14
CA ILE A 295 5.85 -2.30 6.99
C ILE A 295 5.33 -2.96 5.71
N ASP A 296 4.63 -2.20 4.90
CA ASP A 296 4.05 -2.62 3.65
C ASP A 296 4.73 -1.91 2.48
N SER A 297 4.60 -2.49 1.30
CA SER A 297 5.21 -1.91 0.11
C SER A 297 4.19 -1.81 -1.02
N THR A 298 4.12 -0.64 -1.66
CA THR A 298 3.22 -0.46 -2.76
C THR A 298 4.01 0.08 -3.93
N GLU A 299 3.32 0.20 -5.06
CA GLU A 299 3.87 0.62 -6.35
C GLU A 299 4.97 1.66 -6.15
N ALA A 300 4.63 2.79 -5.47
CA ALA A 300 5.51 3.95 -5.38
C ALA A 300 5.45 4.64 -4.02
N LEU A 301 5.10 3.92 -2.96
CA LEU A 301 5.38 4.44 -1.62
C LEU A 301 5.49 3.26 -0.68
N THR A 302 5.70 3.55 0.58
CA THR A 302 6.01 2.52 1.57
C THR A 302 5.29 3.00 2.80
N ALA A 303 4.51 2.14 3.46
CA ALA A 303 3.60 2.60 4.49
C ALA A 303 3.82 1.83 5.78
N ILE A 304 4.03 2.53 6.91
CA ILE A 304 4.16 1.87 8.21
C ILE A 304 2.95 2.20 9.06
N ARG A 305 2.59 1.32 10.02
CA ARG A 305 1.46 1.46 10.93
C ARG A 305 1.90 1.00 12.32
N ILE A 306 1.57 1.78 13.34
CA ILE A 306 1.89 1.42 14.71
C ILE A 306 0.65 0.88 15.39
N ASN A 307 0.87 -0.17 16.19
CA ASN A 307 -0.15 -0.84 16.98
C ASN A 307 0.37 -0.92 18.40
N SER A 308 -0.47 -0.55 19.39
CA SER A 308 -0.13 -0.74 20.78
C SER A 308 -0.37 -2.18 21.21
N ALA A 309 0.10 -2.48 22.42
CA ALA A 309 -0.15 -3.77 23.03
C ALA A 309 -1.59 -3.84 23.52
N ARG A 310 -2.07 -5.06 23.77
CA ARG A 310 -3.44 -5.27 24.21
C ARG A 310 -3.60 -4.66 25.60
N ALA A 311 -4.56 -3.74 25.76
CA ALA A 311 -4.65 -2.89 26.95
C ALA A 311 -4.56 -3.72 28.23
N THR A 312 -3.81 -3.24 29.21
CA THR A 312 -3.40 -4.03 30.38
C THR A 312 -3.80 -3.32 31.67
N ARG A 313 -4.81 -3.85 32.36
CA ARG A 313 -5.29 -3.33 33.64
C ARG A 313 -5.50 -1.82 33.60
N GLY A 314 -6.28 -1.39 32.60
CA GLY A 314 -6.83 -0.02 32.56
C GLY A 314 -5.85 1.11 32.77
N GLY A 315 -4.65 1.02 32.21
CA GLY A 315 -3.69 2.10 32.35
C GLY A 315 -4.10 3.42 31.71
N ASP A 316 -3.15 4.32 31.47
CA ASP A 316 -3.39 5.60 30.81
C ASP A 316 -3.18 5.42 29.31
N ILE A 317 -4.24 5.65 28.51
CA ILE A 317 -4.13 5.41 27.06
C ILE A 317 -3.23 6.44 26.39
N GLU A 318 -3.15 7.68 26.92
CA GLU A 318 -2.35 8.76 26.32
C GLU A 318 -0.83 8.62 26.60
N GLU A 319 -0.43 8.16 27.81
CA GLU A 319 1.00 7.91 28.05
C GLU A 319 1.46 6.56 27.49
N THR A 320 0.53 5.73 27.01
CA THR A 320 0.80 4.49 26.26
C THR A 320 0.96 4.73 24.76
N ALA A 321 0.04 5.50 24.17
CA ALA A 321 0.19 5.93 22.79
C ALA A 321 1.50 6.71 22.61
N PHE A 322 1.78 7.62 23.54
CA PHE A 322 3.02 8.39 23.48
C PHE A 322 4.23 7.46 23.60
N ASN A 323 4.24 6.60 24.62
CA ASN A 323 5.42 5.79 24.83
C ASN A 323 5.63 4.83 23.65
N THR A 324 4.56 4.21 23.12
CA THR A 324 4.71 3.38 21.93
C THR A 324 5.21 4.18 20.70
N ASN A 325 4.66 5.39 20.46
CA ASN A 325 5.09 6.15 19.28
C ASN A 325 6.53 6.61 19.38
N LEU A 326 7.08 6.79 20.58
CA LEU A 326 8.51 7.02 20.69
C LEU A 326 9.27 5.77 20.31
N GLU A 327 8.88 4.64 20.88
CA GLU A 327 9.60 3.42 20.61
C GLU A 327 9.61 3.12 19.12
N ALA A 328 8.51 3.44 18.44
CA ALA A 328 8.43 3.14 17.01
C ALA A 328 9.18 4.15 16.14
N ALA A 329 9.47 5.37 16.61
CA ALA A 329 10.33 6.26 15.83
C ALA A 329 11.76 5.76 15.83
N ASP A 330 12.19 5.17 16.96
CA ASP A 330 13.50 4.54 17.01
C ASP A 330 13.60 3.46 15.92
N GLU A 331 12.63 2.52 15.92
CA GLU A 331 12.75 1.30 15.15
C GLU A 331 12.51 1.54 13.66
N ILE A 332 11.48 2.30 13.31
CA ILE A 332 11.29 2.71 11.91
C ILE A 332 12.59 3.27 11.34
N ALA A 333 13.32 4.03 12.15
CA ALA A 333 14.58 4.64 11.71
C ALA A 333 15.64 3.57 11.49
N ARG A 334 15.82 2.65 12.46
CA ARG A 334 16.73 1.52 12.24
C ARG A 334 16.29 0.63 11.08
N GLN A 335 14.99 0.33 10.97
CA GLN A 335 14.52 -0.55 9.91
C GLN A 335 14.69 0.07 8.54
N LEU A 336 14.66 1.39 8.44
CA LEU A 336 14.91 2.01 7.15
C LEU A 336 16.31 1.67 6.67
N ARG A 337 17.26 1.47 7.59
CA ARG A 337 18.64 1.22 7.20
C ARG A 337 18.84 -0.26 6.88
N LEU A 338 18.22 -1.14 7.68
CA LEU A 338 18.42 -2.56 7.47
C LEU A 338 17.80 -2.98 6.13
N ARG A 339 16.78 -2.27 5.66
CA ARG A 339 16.09 -2.64 4.46
C ARG A 339 16.55 -1.82 3.28
N ASP A 340 17.37 -0.79 3.53
CA ASP A 340 17.81 0.11 2.46
C ASP A 340 16.56 0.58 1.67
N LEU A 341 15.53 0.94 2.43
CA LEU A 341 14.30 1.50 1.88
C LEU A 341 14.52 2.84 1.26
N GLY A 342 13.98 3.02 0.07
CA GLY A 342 14.17 4.24 -0.67
C GLY A 342 12.97 4.63 -1.49
N GLY A 343 12.48 5.79 -1.16
CA GLY A 343 11.41 6.49 -1.83
C GLY A 343 10.65 7.24 -0.76
N LEU A 344 9.40 7.64 -1.05
CA LEU A 344 8.52 8.19 0.00
C LEU A 344 8.06 7.10 0.96
N ILE A 345 8.34 7.30 2.24
CA ILE A 345 7.84 6.49 3.35
C ILE A 345 6.70 7.28 3.98
N VAL A 346 5.67 6.60 4.48
CA VAL A 346 4.54 7.24 5.13
C VAL A 346 4.21 6.49 6.39
N ILE A 347 3.94 7.21 7.47
CA ILE A 347 3.86 6.63 8.79
C ILE A 347 2.56 7.08 9.42
N ARG A 348 1.86 6.14 10.08
CA ARG A 348 0.60 6.37 10.81
C ARG A 348 0.88 6.19 12.29
N PHE A 349 1.35 7.26 12.94
CA PHE A 349 1.46 7.19 14.39
C PHE A 349 0.07 7.08 15.02
N ILE A 350 0.05 6.44 16.19
CA ILE A 350 -1.13 6.51 17.03
C ILE A 350 -1.49 7.97 17.20
N ASP A 351 -2.78 8.25 17.34
CA ASP A 351 -3.23 9.62 17.57
C ASP A 351 -3.00 10.03 19.01
N MET A 352 -2.65 11.30 19.17
CA MET A 352 -2.36 11.92 20.46
C MET A 352 -2.91 13.35 20.40
N THR A 353 -3.74 13.76 21.37
CA THR A 353 -4.35 15.09 21.19
C THR A 353 -3.38 16.28 21.37
N PRO A 354 -2.44 16.27 22.32
CA PRO A 354 -1.59 17.46 22.54
C PRO A 354 -0.58 17.75 21.42
N VAL A 355 -0.38 19.05 21.13
CA VAL A 355 0.70 19.42 20.21
C VAL A 355 2.06 19.15 20.89
N ARG A 356 2.10 19.10 22.23
CA ARG A 356 3.38 18.76 22.87
C ARG A 356 3.76 17.29 22.68
N HIS A 357 2.79 16.37 22.54
CA HIS A 357 3.20 14.98 22.29
C HIS A 357 3.57 14.72 20.83
N GLN A 358 3.01 15.47 19.88
CA GLN A 358 3.38 15.25 18.48
C GLN A 358 4.78 15.78 18.21
N ARG A 359 5.11 16.99 18.70
CA ARG A 359 6.46 17.48 18.48
C ARG A 359 7.50 16.57 19.17
N ALA A 360 7.13 15.94 20.30
CA ALA A 360 8.06 15.03 20.97
C ALA A 360 8.45 13.86 20.09
N VAL A 361 7.49 13.31 19.35
CA VAL A 361 7.74 12.17 18.50
C VAL A 361 8.46 12.58 17.23
N GLU A 362 7.99 13.65 16.55
CA GLU A 362 8.72 14.13 15.38
C GLU A 362 10.20 14.42 15.72
N ASN A 363 10.50 14.90 16.95
CA ASN A 363 11.89 15.12 17.37
C ASN A 363 12.62 13.79 17.51
N ARG A 364 12.06 12.89 18.35
CA ARG A 364 12.63 11.55 18.50
C ARG A 364 12.97 10.90 17.16
N LEU A 365 12.19 11.19 16.11
CA LEU A 365 12.45 10.66 14.78
C LEU A 365 13.56 11.41 14.05
N ARG A 366 13.58 12.76 14.09
CA ARG A 366 14.68 13.50 13.46
C ARG A 366 16.01 13.07 14.03
N GLU A 367 16.04 12.74 15.32
CA GLU A 367 17.26 12.34 16.00
C GLU A 367 17.71 10.97 15.53
N ALA A 368 16.81 10.00 15.67
CA ALA A 368 17.05 8.61 15.28
C ALA A 368 17.58 8.48 13.86
N VAL A 369 17.12 9.33 12.94
CA VAL A 369 17.58 9.29 11.55
C VAL A 369 18.68 10.32 11.27
N ARG A 370 19.33 10.87 12.30
CA ARG A 370 20.24 11.99 12.06
C ARG A 370 21.54 11.48 11.44
N GLN A 371 22.10 10.43 12.04
CA GLN A 371 23.30 9.75 11.54
C GLN A 371 23.04 8.80 10.37
N ASP A 372 21.83 8.79 9.84
CA ASP A 372 21.52 7.97 8.69
C ASP A 372 22.25 8.55 7.48
N ARG A 373 23.13 7.76 6.89
CA ARG A 373 23.95 8.27 5.79
C ARG A 373 23.16 8.88 4.62
N ALA A 374 21.93 8.42 4.37
CA ALA A 374 21.27 8.82 3.13
C ALA A 374 20.41 10.05 3.36
N ARG A 375 20.21 10.84 2.30
CA ARG A 375 19.39 12.02 2.51
C ARG A 375 18.01 11.61 3.05
N ILE A 376 17.52 12.37 4.01
CA ILE A 376 16.21 12.15 4.59
C ILE A 376 15.55 13.49 4.82
N GLN A 377 14.31 13.59 4.40
CA GLN A 377 13.55 14.80 4.55
C GLN A 377 12.29 14.40 5.28
N ILE A 378 11.79 15.25 6.14
CA ILE A 378 10.61 14.95 6.90
C ILE A 378 9.63 16.08 6.96
N SER A 379 8.39 15.72 7.19
CA SER A 379 7.32 16.67 7.29
C SER A 379 6.77 16.53 8.67
N HIS A 380 5.64 17.13 8.93
CA HIS A 380 5.06 17.10 10.25
C HIS A 380 3.80 16.32 10.27
N ILE A 381 3.41 15.86 11.43
CA ILE A 381 2.18 15.08 11.53
C ILE A 381 1.04 15.91 10.95
N SER A 382 0.31 15.34 10.00
CA SER A 382 -0.69 16.04 9.21
C SER A 382 -2.06 16.05 9.90
N ARG A 383 -3.04 16.71 9.22
CA ARG A 383 -4.44 16.71 9.69
C ARG A 383 -5.01 15.29 9.87
N PHE A 384 -4.55 14.34 9.04
CA PHE A 384 -5.06 12.99 9.04
C PHE A 384 -4.26 12.06 9.95
N GLY A 385 -3.10 12.48 10.43
CA GLY A 385 -2.36 11.65 11.35
C GLY A 385 -1.21 10.94 10.70
N LEU A 386 -0.87 11.33 9.48
CA LEU A 386 0.22 10.75 8.74
C LEU A 386 1.46 11.63 8.69
N LEU A 387 2.62 11.00 8.87
CA LEU A 387 3.89 11.67 8.67
C LEU A 387 4.42 11.23 7.33
N GLU A 388 4.63 12.13 6.38
CA GLU A 388 5.31 11.79 5.13
C GLU A 388 6.84 11.96 5.33
N MET A 389 7.64 11.12 4.66
CA MET A 389 9.10 11.29 4.61
C MET A 389 9.72 10.66 3.38
N SER A 390 10.91 11.14 3.01
CA SER A 390 11.60 10.62 1.84
C SER A 390 12.99 10.16 2.21
N ARG A 391 13.47 9.16 1.49
CA ARG A 391 14.80 8.64 1.72
C ARG A 391 15.44 8.31 0.38
N GLN A 392 16.72 8.65 0.27
CA GLN A 392 17.42 8.60 -0.99
C GLN A 392 17.71 7.16 -1.33
N ARG A 393 17.36 6.76 -2.55
CA ARG A 393 17.53 5.38 -2.98
C ARG A 393 18.93 5.33 -3.59
N LEU A 394 19.92 5.05 -2.73
CA LEU A 394 21.28 4.81 -3.19
C LEU A 394 21.34 3.51 -3.94
N SER A 395 20.84 2.49 -3.27
CA SER A 395 21.14 1.08 -3.43
C SER A 395 19.80 0.38 -3.60
N PRO A 396 19.83 -0.91 -3.94
CA PRO A 396 18.58 -1.67 -3.94
C PRO A 396 18.18 -2.12 -2.55
N SER A 397 16.89 -2.09 -2.28
CA SER A 397 16.35 -2.47 -0.97
C SER A 397 16.20 -3.98 -0.89
N LEU A 398 15.98 -4.51 0.31
CA LEU A 398 15.78 -5.95 0.41
C LEU A 398 14.64 -6.46 -0.48
N GLY A 399 13.61 -5.66 -0.76
CA GLY A 399 12.55 -6.17 -1.63
C GLY A 399 13.02 -6.34 -3.06
N GLU A 400 13.68 -5.32 -3.60
CA GLU A 400 14.17 -5.34 -4.97
C GLU A 400 15.18 -6.46 -5.21
N SER A 401 15.98 -6.82 -4.20
CA SER A 401 17.14 -7.68 -4.40
C SER A 401 17.10 -9.04 -3.69
N SER A 402 16.29 -9.21 -2.64
CA SER A 402 16.16 -10.47 -1.91
C SER A 402 14.70 -10.99 -1.84
N HIS A 403 13.79 -10.43 -2.64
CA HIS A 403 12.37 -10.81 -2.67
C HIS A 403 11.88 -10.75 -4.12
N HIS A 404 10.77 -11.46 -4.41
CA HIS A 404 10.14 -11.36 -5.72
C HIS A 404 8.63 -11.28 -5.56
N VAL A 405 7.97 -11.13 -6.70
CA VAL A 405 6.53 -10.87 -6.71
C VAL A 405 5.80 -12.17 -6.43
N CYS A 406 4.82 -12.10 -5.55
CA CYS A 406 4.11 -13.31 -5.16
C CYS A 406 3.47 -13.95 -6.40
N PRO A 407 3.67 -15.26 -6.63
CA PRO A 407 3.01 -15.92 -7.79
C PRO A 407 1.48 -15.82 -7.78
N ARG A 408 0.86 -16.09 -6.64
CA ARG A 408 -0.59 -16.23 -6.61
C ARG A 408 -1.31 -14.88 -6.76
N CYS A 409 -1.12 -13.95 -5.81
CA CYS A 409 -1.80 -12.65 -5.78
C CYS A 409 -1.14 -11.56 -6.63
N SER A 410 -0.05 -11.85 -7.35
CA SER A 410 0.51 -10.93 -8.37
C SER A 410 0.84 -9.53 -7.85
N GLY A 411 1.39 -9.44 -6.62
CA GLY A 411 1.61 -8.15 -5.98
C GLY A 411 0.65 -7.85 -4.83
N THR A 412 -0.66 -7.74 -5.08
CA THR A 412 -1.61 -7.41 -4.02
C THR A 412 -1.41 -8.32 -2.83
N GLY A 413 -2.06 -8.02 -1.75
CA GLY A 413 -1.97 -9.01 -0.70
C GLY A 413 -3.06 -10.03 -0.74
N THR A 414 -3.90 -10.00 -1.77
CA THR A 414 -5.20 -10.69 -1.68
C THR A 414 -5.51 -11.56 -2.87
N VAL A 415 -6.44 -12.48 -2.61
CA VAL A 415 -7.10 -13.31 -3.60
C VAL A 415 -8.59 -13.07 -3.41
N ARG A 416 -9.29 -12.80 -4.52
CA ARG A 416 -10.76 -12.77 -4.49
C ARG A 416 -11.33 -14.05 -3.85
N ASP A 417 -12.40 -13.87 -3.07
CA ASP A 417 -13.11 -14.99 -2.46
C ASP A 417 -13.57 -16.00 -3.52
N ASN A 418 -13.91 -17.21 -3.06
CA ASN A 418 -14.14 -18.27 -4.04
C ASN A 418 -15.48 -18.07 -4.74
N GLU A 419 -16.58 -18.02 -3.96
CA GLU A 419 -17.88 -17.68 -4.52
C GLU A 419 -17.85 -16.39 -5.35
N SER A 420 -17.31 -15.29 -4.80
CA SER A 420 -17.27 -14.01 -5.51
C SER A 420 -16.74 -14.19 -6.91
N LEU A 421 -15.62 -14.91 -7.01
CA LEU A 421 -14.92 -15.11 -8.26
C LEU A 421 -15.66 -16.11 -9.13
N SER A 422 -16.15 -17.22 -8.54
CA SER A 422 -16.88 -18.24 -9.30
C SER A 422 -18.00 -17.60 -10.10
N LEU A 423 -18.81 -16.78 -9.41
CA LEU A 423 -19.85 -16.03 -10.09
C LEU A 423 -19.32 -15.14 -11.21
N SER A 424 -18.21 -14.42 -10.94
CA SER A 424 -17.55 -13.66 -11.99
C SER A 424 -17.28 -14.53 -13.21
N ILE A 425 -16.90 -15.78 -13.00
CA ILE A 425 -16.65 -16.67 -14.13
C ILE A 425 -17.97 -17.09 -14.76
N LEU A 426 -18.94 -17.47 -13.92
CA LEU A 426 -20.21 -17.92 -14.45
C LEU A 426 -20.77 -16.92 -15.43
N ARG A 427 -20.69 -15.62 -15.11
CA ARG A 427 -21.17 -14.66 -16.10
C ARG A 427 -20.16 -14.46 -17.22
N LEU A 428 -18.87 -14.61 -16.96
CA LEU A 428 -17.91 -14.46 -18.06
C LEU A 428 -18.09 -15.57 -19.10
N ILE A 429 -18.55 -16.76 -18.69
CA ILE A 429 -18.89 -17.86 -19.59
C ILE A 429 -20.09 -17.53 -20.48
N GLU A 430 -21.26 -17.39 -19.85
CA GLU A 430 -22.45 -16.87 -20.52
C GLU A 430 -22.16 -15.72 -21.49
N GLU A 431 -21.38 -14.71 -21.04
CA GLU A 431 -21.00 -13.61 -21.93
C GLU A 431 -20.44 -14.11 -23.26
N GLU A 432 -19.79 -15.28 -23.26
CA GLU A 432 -19.19 -15.86 -24.46
C GLU A 432 -20.07 -16.91 -25.12
N ALA A 433 -20.98 -17.54 -24.38
CA ALA A 433 -21.94 -18.43 -25.02
C ALA A 433 -23.06 -17.67 -25.72
N LEU A 434 -23.28 -16.40 -25.36
CA LEU A 434 -24.29 -15.55 -26.00
C LEU A 434 -23.66 -14.66 -27.06
N LYS A 435 -22.64 -15.15 -27.74
CA LYS A 435 -22.19 -14.60 -29.01
C LYS A 435 -22.62 -15.55 -30.10
N GLU A 436 -22.66 -15.05 -31.32
CA GLU A 436 -23.15 -15.84 -32.43
C GLU A 436 -21.99 -16.63 -33.03
N ASN A 437 -22.29 -17.83 -33.50
CA ASN A 437 -21.30 -18.79 -33.99
C ASN A 437 -20.39 -19.24 -32.84
N THR A 438 -20.97 -19.84 -31.81
CA THR A 438 -20.19 -20.25 -30.65
C THR A 438 -20.60 -21.69 -30.33
N GLN A 439 -19.82 -22.66 -30.82
CA GLN A 439 -20.17 -24.06 -30.65
C GLN A 439 -19.97 -24.50 -29.21
N GLU A 440 -18.80 -24.22 -28.66
CA GLU A 440 -18.47 -24.67 -27.32
C GLU A 440 -17.87 -23.49 -26.55
N VAL A 441 -17.70 -23.68 -25.25
CA VAL A 441 -17.08 -22.70 -24.39
C VAL A 441 -16.42 -23.45 -23.24
N HIS A 442 -15.12 -23.22 -23.05
CA HIS A 442 -14.27 -23.98 -22.13
C HIS A 442 -13.74 -23.07 -21.03
N ALA A 443 -13.62 -23.60 -19.82
CA ALA A 443 -13.30 -22.80 -18.65
C ALA A 443 -12.42 -23.55 -17.66
N ILE A 444 -11.11 -23.49 -17.85
CA ILE A 444 -10.15 -24.18 -16.98
C ILE A 444 -10.03 -23.38 -15.68
N VAL A 445 -10.12 -24.04 -14.52
CA VAL A 445 -10.24 -23.28 -13.26
C VAL A 445 -9.73 -24.05 -12.04
N PRO A 446 -9.40 -23.38 -10.95
CA PRO A 446 -9.00 -24.11 -9.76
C PRO A 446 -10.04 -25.14 -9.37
N VAL A 447 -9.53 -26.27 -8.87
CA VAL A 447 -10.34 -27.37 -8.36
C VAL A 447 -11.46 -26.98 -7.40
N PRO A 448 -11.32 -26.00 -6.51
CA PRO A 448 -12.51 -25.66 -5.69
C PRO A 448 -13.48 -24.72 -6.41
N ILE A 449 -13.09 -24.03 -7.49
CA ILE A 449 -14.02 -23.18 -8.24
C ILE A 449 -14.86 -24.06 -9.13
N ALA A 450 -14.20 -24.98 -9.81
CA ALA A 450 -14.87 -26.05 -10.53
C ALA A 450 -15.87 -26.79 -9.64
N SER A 451 -15.45 -27.08 -8.42
CA SER A 451 -16.31 -27.76 -7.47
C SER A 451 -17.53 -26.90 -7.11
N TYR A 452 -17.33 -25.59 -6.96
CA TYR A 452 -18.42 -24.71 -6.55
C TYR A 452 -19.34 -24.49 -7.75
N LEU A 453 -18.76 -24.22 -8.93
CA LEU A 453 -19.55 -23.95 -10.14
C LEU A 453 -20.36 -25.13 -10.68
N LEU A 454 -20.10 -26.38 -10.22
CA LEU A 454 -20.76 -27.57 -10.75
C LEU A 454 -21.49 -28.35 -9.65
N ASN A 455 -21.79 -27.74 -8.52
CA ASN A 455 -22.66 -28.37 -7.53
C ASN A 455 -23.65 -27.32 -7.02
N GLU A 456 -23.15 -26.30 -6.35
CA GLU A 456 -24.01 -25.27 -5.81
C GLU A 456 -24.53 -24.32 -6.89
N LYS A 457 -23.78 -24.12 -7.97
CA LYS A 457 -24.29 -23.39 -9.13
C LYS A 457 -24.55 -24.30 -10.32
N ARG A 458 -24.97 -25.55 -10.08
CA ARG A 458 -25.13 -26.46 -11.21
C ARG A 458 -26.28 -26.00 -12.06
N SER A 459 -27.34 -25.57 -11.39
CA SER A 459 -28.57 -25.12 -12.06
C SER A 459 -28.31 -23.91 -12.97
N ALA A 460 -27.37 -23.06 -12.58
CA ALA A 460 -27.07 -21.88 -13.38
C ALA A 460 -26.34 -22.21 -14.66
N VAL A 461 -25.44 -23.20 -14.62
CA VAL A 461 -24.71 -23.66 -15.82
C VAL A 461 -25.67 -24.25 -16.84
N ASN A 462 -26.48 -25.22 -16.36
CA ASN A 462 -27.56 -25.83 -17.13
C ASN A 462 -28.49 -24.79 -17.72
N ALA A 463 -28.82 -23.75 -16.95
CA ALA A 463 -29.62 -22.66 -17.47
C ALA A 463 -28.98 -21.99 -18.69
N ILE A 464 -27.64 -21.92 -18.75
CA ILE A 464 -26.96 -21.30 -19.90
C ILE A 464 -27.02 -22.23 -21.10
N GLU A 465 -26.85 -23.54 -20.87
CA GLU A 465 -26.93 -24.52 -21.93
C GLU A 465 -28.29 -24.52 -22.61
N THR A 466 -29.39 -24.29 -21.87
CA THR A 466 -30.70 -24.26 -22.51
C THR A 466 -31.02 -22.89 -23.17
N ARG A 467 -30.68 -21.74 -22.56
CA ARG A 467 -31.03 -20.43 -23.14
C ARG A 467 -30.48 -20.27 -24.56
N GLN A 468 -29.18 -20.47 -24.72
CA GLN A 468 -28.58 -20.37 -26.05
C GLN A 468 -28.17 -21.80 -26.44
N ASP A 469 -29.10 -22.47 -27.12
CA ASP A 469 -29.08 -23.92 -27.30
C ASP A 469 -27.92 -24.37 -28.18
N GLY A 470 -27.47 -25.61 -27.94
CA GLY A 470 -26.40 -26.21 -28.69
C GLY A 470 -25.01 -25.95 -28.14
N VAL A 471 -24.87 -24.97 -27.25
CA VAL A 471 -23.56 -24.47 -26.76
C VAL A 471 -23.13 -25.35 -25.58
N ARG A 472 -22.21 -26.28 -25.84
CA ARG A 472 -21.63 -27.08 -24.78
C ARG A 472 -20.74 -26.20 -23.88
N CYS A 473 -20.99 -26.24 -22.55
CA CYS A 473 -20.25 -25.41 -21.57
C CYS A 473 -19.47 -26.33 -20.69
N VAL A 474 -18.16 -26.29 -20.82
CA VAL A 474 -17.25 -27.27 -20.22
C VAL A 474 -16.41 -26.54 -19.16
N ILE A 475 -16.45 -27.03 -17.93
CA ILE A 475 -15.76 -26.42 -16.80
C ILE A 475 -14.81 -27.48 -16.28
N VAL A 476 -13.51 -27.23 -16.35
CA VAL A 476 -12.48 -28.25 -16.07
C VAL A 476 -11.86 -27.98 -14.71
N PRO A 477 -11.69 -28.98 -13.85
CA PRO A 477 -10.81 -28.82 -12.69
C PRO A 477 -9.36 -29.01 -13.06
N ASN A 478 -8.48 -28.32 -12.33
CA ASN A 478 -7.06 -28.37 -12.62
C ASN A 478 -6.24 -28.37 -11.33
N ASP A 479 -5.40 -29.39 -11.16
CA ASP A 479 -4.36 -29.44 -10.11
C ASP A 479 -3.42 -28.24 -10.19
N GLN A 480 -3.06 -27.84 -11.42
CA GLN A 480 -2.09 -26.80 -11.72
C GLN A 480 -2.66 -25.36 -11.69
N MET A 481 -3.52 -25.02 -10.72
CA MET A 481 -4.18 -23.70 -10.68
C MET A 481 -4.73 -23.49 -9.28
N GLU A 482 -4.51 -22.28 -8.74
CA GLU A 482 -4.97 -21.86 -7.43
C GLU A 482 -5.77 -20.58 -7.59
N THR A 483 -6.59 -20.32 -6.54
CA THR A 483 -7.79 -19.47 -6.46
C THR A 483 -7.84 -18.15 -7.22
N PRO A 484 -6.77 -17.45 -7.55
CA PRO A 484 -6.93 -16.21 -8.36
C PRO A 484 -6.89 -16.36 -9.86
N HIS A 485 -6.70 -17.58 -10.43
CA HIS A 485 -6.34 -17.77 -11.83
C HIS A 485 -7.41 -18.59 -12.55
N TYR A 486 -7.66 -18.26 -13.82
CA TYR A 486 -8.63 -18.98 -14.65
C TYR A 486 -8.38 -18.71 -16.14
N HIS A 487 -8.77 -19.66 -17.01
CA HIS A 487 -8.91 -19.38 -18.44
C HIS A 487 -10.34 -19.65 -18.87
N VAL A 488 -10.84 -18.83 -19.81
CA VAL A 488 -12.17 -18.96 -20.41
C VAL A 488 -12.03 -18.78 -21.91
N LEU A 489 -11.96 -19.87 -22.65
CA LEU A 489 -11.76 -19.88 -24.10
C LEU A 489 -13.09 -20.15 -24.79
N ARG A 490 -13.23 -19.58 -25.99
CA ARG A 490 -14.42 -19.73 -26.82
C ARG A 490 -14.09 -20.63 -28.01
N VAL A 491 -15.11 -21.30 -28.55
CA VAL A 491 -14.93 -22.23 -29.65
C VAL A 491 -16.02 -21.95 -30.69
N ARG A 492 -15.58 -21.92 -31.94
CA ARG A 492 -16.39 -21.61 -33.08
C ARG A 492 -16.91 -22.84 -33.74
N LYS A 493 -18.13 -22.74 -34.25
CA LYS A 493 -18.76 -23.86 -34.91
C LYS A 493 -17.85 -24.26 -36.03
N GLY A 494 -17.64 -25.56 -36.15
CA GLY A 494 -16.78 -26.10 -37.17
C GLY A 494 -15.38 -26.20 -36.62
N GLU A 495 -15.11 -25.46 -35.55
CA GLU A 495 -13.83 -25.53 -34.89
C GLU A 495 -13.92 -26.56 -33.77
N GLU A 496 -15.07 -27.22 -33.65
CA GLU A 496 -15.28 -28.17 -32.58
C GLU A 496 -14.28 -29.29 -32.66
N THR A 497 -13.76 -29.68 -31.50
CA THR A 497 -12.78 -30.76 -31.43
C THR A 497 -13.39 -31.80 -30.53
N PRO A 498 -13.42 -33.06 -30.96
CA PRO A 498 -14.04 -34.05 -30.09
C PRO A 498 -13.00 -34.37 -29.05
N THR A 499 -12.80 -33.45 -28.12
CA THR A 499 -11.79 -33.63 -27.09
C THR A 499 -12.42 -33.80 -25.75
N LEU A 500 -11.78 -34.61 -24.93
CA LEU A 500 -12.31 -34.94 -23.62
C LEU A 500 -12.13 -33.77 -22.67
N SER A 501 -12.95 -33.75 -21.63
CA SER A 501 -12.95 -32.59 -20.77
C SER A 501 -11.69 -32.58 -19.90
N TYR A 502 -11.25 -33.75 -19.44
CA TYR A 502 -10.06 -33.76 -18.61
C TYR A 502 -8.78 -33.62 -19.40
N MET A 503 -8.82 -33.70 -20.73
CA MET A 503 -7.64 -33.47 -21.58
C MET A 503 -7.53 -32.04 -22.09
N LEU A 504 -8.36 -31.15 -21.66
CA LEU A 504 -8.41 -29.83 -22.27
C LEU A 504 -7.34 -28.90 -21.74
N PRO A 505 -6.89 -29.06 -20.49
CA PRO A 505 -5.74 -28.27 -20.05
C PRO A 505 -4.46 -28.62 -20.81
N LYS A 506 -4.19 -29.91 -21.08
CA LYS A 506 -3.01 -30.24 -21.88
C LYS A 506 -3.11 -29.62 -23.29
N LEU A 507 -4.23 -29.81 -23.99
CA LEU A 507 -4.46 -29.12 -25.26
C LEU A 507 -4.34 -27.58 -25.19
N HIS A 508 -4.72 -26.95 -24.07
CA HIS A 508 -4.72 -25.48 -24.00
C HIS A 508 -3.59 -24.86 -23.17
N GLU A 509 -2.71 -25.65 -22.54
CA GLU A 509 -1.52 -25.03 -21.92
C GLU A 509 -0.68 -24.34 -22.99
N GLU A 510 -0.75 -24.87 -24.21
CA GLU A 510 -0.27 -24.18 -25.41
C GLU A 510 -0.80 -22.74 -25.52
N ALA A 511 -2.11 -22.57 -25.40
CA ALA A 511 -2.82 -21.34 -25.81
C ALA A 511 -2.41 -19.99 -25.18
N MET A 512 -2.41 -19.81 -23.85
CA MET A 512 -2.50 -20.83 -22.80
C MET A 512 -3.84 -20.83 -22.05
N HIS B 2 -29.82 11.38 -22.39
CA HIS B 2 -29.27 10.30 -21.52
C HIS B 2 -29.90 10.26 -20.16
N MET B 3 -30.45 9.09 -19.81
CA MET B 3 -31.22 8.89 -18.59
C MET B 3 -30.39 8.17 -17.53
N LYS B 4 -30.51 8.62 -16.27
CA LYS B 4 -29.88 7.96 -15.14
C LYS B 4 -30.77 6.84 -14.60
N ARG B 5 -30.25 5.59 -14.59
CA ARG B 5 -31.07 4.46 -14.20
C ARG B 5 -30.41 3.67 -13.09
N MET B 6 -31.26 2.95 -12.35
CA MET B 6 -30.86 1.99 -11.33
C MET B 6 -31.12 0.61 -11.91
N LEU B 7 -30.07 -0.21 -12.02
CA LEU B 7 -30.17 -1.60 -12.44
C LEU B 7 -29.99 -2.45 -11.19
N ILE B 8 -30.87 -3.41 -11.01
CA ILE B 8 -30.74 -4.41 -9.97
C ILE B 8 -30.60 -5.77 -10.64
N ASN B 9 -29.77 -6.61 -10.06
CA ASN B 9 -29.36 -7.89 -10.63
C ASN B 9 -29.52 -9.00 -9.58
N ALA B 10 -30.73 -9.48 -9.32
CA ALA B 10 -30.98 -10.46 -8.26
C ALA B 10 -31.24 -11.88 -8.77
N THR B 11 -30.61 -12.29 -9.88
CA THR B 11 -30.78 -13.64 -10.44
C THR B 11 -30.12 -14.72 -9.55
N GLN B 12 -28.93 -14.45 -9.02
CA GLN B 12 -28.16 -15.41 -8.25
C GLN B 12 -28.42 -15.21 -6.76
N GLN B 13 -28.46 -16.30 -6.01
CA GLN B 13 -29.04 -16.28 -4.68
C GLN B 13 -28.19 -15.55 -3.65
N GLU B 14 -26.93 -15.26 -3.96
CA GLU B 14 -25.98 -14.75 -2.96
C GLU B 14 -25.44 -13.36 -3.27
N GLU B 15 -25.96 -12.68 -4.27
CA GLU B 15 -25.30 -11.51 -4.80
C GLU B 15 -26.45 -10.74 -5.40
N LEU B 16 -26.98 -9.81 -4.63
CA LEU B 16 -27.73 -8.72 -5.20
C LEU B 16 -26.69 -7.72 -5.65
N ARG B 17 -26.77 -7.28 -6.90
CA ARG B 17 -25.87 -6.25 -7.43
C ARG B 17 -26.69 -5.05 -7.90
N VAL B 18 -26.39 -3.87 -7.38
CA VAL B 18 -27.12 -2.64 -7.67
C VAL B 18 -26.12 -1.69 -8.34
N ALA B 19 -26.49 -1.17 -9.50
CA ALA B 19 -25.64 -0.31 -10.29
C ALA B 19 -26.41 0.96 -10.62
N LEU B 20 -25.71 2.03 -10.99
CA LEU B 20 -26.34 3.28 -11.37
C LEU B 20 -25.61 3.77 -12.59
N VAL B 21 -26.37 4.19 -13.60
CA VAL B 21 -25.82 4.28 -14.94
C VAL B 21 -26.39 5.56 -15.52
N ASP B 22 -25.51 6.48 -15.99
CA ASP B 22 -25.92 7.60 -16.84
C ASP B 22 -25.72 7.20 -18.30
N GLY B 23 -26.82 6.79 -18.95
CA GLY B 23 -26.74 6.20 -20.26
C GLY B 23 -26.23 4.78 -20.15
N GLN B 24 -24.92 4.58 -20.46
CA GLN B 24 -24.21 3.33 -20.18
C GLN B 24 -22.89 3.61 -19.45
N ARG B 25 -22.76 4.75 -18.79
CA ARG B 25 -21.62 5.03 -17.94
C ARG B 25 -21.99 4.63 -16.52
N LEU B 26 -21.22 3.73 -15.94
CA LEU B 26 -21.39 3.36 -14.54
C LEU B 26 -20.82 4.44 -13.60
N TYR B 27 -21.54 4.72 -12.51
CA TYR B 27 -21.02 5.65 -11.52
C TYR B 27 -21.31 5.26 -10.08
N ASP B 28 -21.94 4.13 -9.81
CA ASP B 28 -22.12 3.67 -8.44
C ASP B 28 -22.50 2.22 -8.44
N LEU B 29 -22.41 1.61 -7.26
CA LEU B 29 -22.52 0.17 -7.16
C LEU B 29 -22.53 -0.23 -5.69
N ASP B 30 -23.37 -1.23 -5.34
CA ASP B 30 -23.33 -1.91 -4.04
C ASP B 30 -23.50 -3.37 -4.37
N ILE B 31 -22.68 -4.22 -3.78
CA ILE B 31 -22.78 -5.68 -3.99
C ILE B 31 -23.12 -6.29 -2.64
N GLU B 32 -24.39 -6.34 -2.31
CA GLU B 32 -24.73 -6.87 -1.01
C GLU B 32 -25.07 -8.34 -0.97
N SER B 33 -24.27 -9.06 -0.19
CA SER B 33 -24.44 -10.50 0.03
C SER B 33 -25.64 -10.65 0.96
N PRO B 34 -26.25 -11.83 1.03
CA PRO B 34 -27.43 -11.90 1.90
C PRO B 34 -27.15 -12.30 3.33
N GLY B 35 -28.21 -12.23 4.13
CA GLY B 35 -28.18 -12.61 5.53
C GLY B 35 -27.65 -11.54 6.42
N HIS B 36 -27.60 -11.78 7.70
CA HIS B 36 -27.06 -10.76 8.59
C HIS B 36 -27.99 -9.54 8.63
N GLU B 37 -29.25 -9.79 9.04
CA GLU B 37 -30.23 -8.72 9.30
C GLU B 37 -30.04 -8.12 10.70
N GLN B 38 -30.45 -6.85 10.86
CA GLN B 38 -30.32 -6.14 12.14
C GLN B 38 -31.58 -5.34 12.44
N LYS B 39 -31.95 -5.28 13.73
CA LYS B 39 -33.24 -4.69 14.14
C LYS B 39 -33.16 -3.20 14.48
N LYS B 40 -32.07 -2.72 15.09
CA LYS B 40 -31.89 -1.30 15.42
C LYS B 40 -32.44 -0.38 14.35
N ALA B 41 -33.14 0.66 14.82
CA ALA B 41 -33.79 1.73 14.06
C ALA B 41 -35.13 1.32 13.41
N ASN B 42 -35.53 0.04 13.50
CA ASN B 42 -36.84 -0.42 13.02
C ASN B 42 -37.97 0.27 13.74
N ILE B 43 -39.05 0.55 13.01
CA ILE B 43 -40.19 1.29 13.55
C ILE B 43 -41.40 0.35 13.61
N TYR B 44 -41.96 0.20 14.82
CA TYR B 44 -43.09 -0.67 15.10
C TYR B 44 -44.27 0.14 15.62
N LYS B 45 -45.48 -0.39 15.45
CA LYS B 45 -46.62 0.01 16.27
C LYS B 45 -46.82 -1.06 17.33
N GLY B 46 -46.98 -0.63 18.59
CA GLY B 46 -47.02 -1.56 19.70
C GLY B 46 -47.95 -1.18 20.84
N LYS B 47 -48.82 -2.09 21.25
CA LYS B 47 -49.68 -1.83 22.40
C LYS B 47 -48.83 -1.79 23.66
N ILE B 48 -49.11 -0.83 24.53
CA ILE B 48 -48.47 -0.84 25.84
C ILE B 48 -49.08 -1.95 26.68
N THR B 49 -48.25 -2.59 27.46
CA THR B 49 -48.63 -3.83 28.10
C THR B 49 -48.46 -3.82 29.61
N ARG B 50 -47.40 -3.23 30.14
CA ARG B 50 -47.34 -3.01 31.57
C ARG B 50 -46.90 -1.56 31.81
N ILE B 51 -46.92 -1.14 33.07
CA ILE B 51 -46.45 0.20 33.43
C ILE B 51 -45.82 0.09 34.82
N GLU B 52 -44.57 0.49 34.95
CA GLU B 52 -43.84 0.18 36.16
C GLU B 52 -43.09 1.41 36.67
N PRO B 53 -43.73 2.14 37.55
CA PRO B 53 -43.23 3.38 38.09
C PRO B 53 -41.92 3.26 38.79
N SER B 54 -41.62 2.09 39.33
CA SER B 54 -40.39 1.90 40.06
C SER B 54 -39.24 2.21 39.13
N LEU B 55 -39.40 1.81 37.87
CA LEU B 55 -38.38 2.06 36.88
C LEU B 55 -38.65 3.32 36.12
N GLU B 56 -39.80 3.94 36.37
CA GLU B 56 -40.15 5.15 35.64
C GLU B 56 -40.14 4.76 34.18
N ALA B 57 -40.67 3.58 33.91
CA ALA B 57 -40.71 3.03 32.58
C ALA B 57 -42.06 2.51 32.16
N ALA B 58 -42.02 1.66 31.14
CA ALA B 58 -43.21 1.03 30.57
C ALA B 58 -42.74 -0.02 29.58
N PHE B 59 -43.58 -1.01 29.35
CA PHE B 59 -43.24 -2.11 28.47
C PHE B 59 -44.19 -2.14 27.30
N VAL B 60 -43.71 -2.59 26.15
CA VAL B 60 -44.41 -2.40 24.89
C VAL B 60 -44.28 -3.71 24.15
N ASP B 61 -45.38 -4.18 23.57
CA ASP B 61 -45.37 -5.39 22.78
C ASP B 61 -45.31 -4.87 21.35
N TYR B 62 -44.09 -4.69 20.84
CA TYR B 62 -43.94 -4.45 19.40
C TYR B 62 -44.08 -5.72 18.56
N GLY B 63 -44.30 -6.87 19.16
CA GLY B 63 -44.44 -8.08 18.38
C GLY B 63 -43.22 -8.96 18.40
N ALA B 64 -42.30 -8.71 19.32
CA ALA B 64 -41.20 -9.61 19.59
C ALA B 64 -41.49 -10.34 20.90
N GLU B 65 -40.73 -11.42 21.13
CA GLU B 65 -41.01 -12.27 22.27
C GLU B 65 -40.79 -11.51 23.57
N ARG B 66 -39.69 -10.78 23.68
CA ARG B 66 -39.43 -9.95 24.86
C ARG B 66 -40.03 -8.57 24.62
N HIS B 67 -40.89 -8.12 25.52
CA HIS B 67 -41.46 -6.79 25.38
C HIS B 67 -40.38 -5.75 25.56
N GLY B 68 -40.55 -4.59 24.90
CA GLY B 68 -39.57 -3.52 24.94
C GLY B 68 -39.79 -2.56 26.10
N PHE B 69 -38.79 -1.74 26.34
CA PHE B 69 -38.64 -0.97 27.57
C PHE B 69 -38.51 0.50 27.21
N LEU B 70 -39.65 1.18 27.21
CA LEU B 70 -39.81 2.60 26.89
C LEU B 70 -39.77 3.44 28.17
N PRO B 71 -38.73 4.21 28.46
CA PRO B 71 -38.75 5.04 29.66
C PRO B 71 -39.50 6.36 29.48
N LEU B 72 -39.92 6.91 30.63
CA LEU B 72 -40.53 8.23 30.67
C LEU B 72 -39.68 9.26 29.92
N LYS B 73 -38.36 9.22 30.10
CA LYS B 73 -37.52 10.22 29.45
C LYS B 73 -37.76 10.28 27.94
N GLU B 74 -38.23 9.18 27.33
CA GLU B 74 -38.32 9.00 25.88
C GLU B 74 -39.77 8.93 25.36
N ILE B 75 -40.68 9.71 25.93
CA ILE B 75 -42.09 9.73 25.50
C ILE B 75 -42.46 11.10 24.94
N ALA B 76 -42.78 11.16 23.65
CA ALA B 76 -43.25 12.41 23.04
C ALA B 76 -44.45 12.93 23.81
N ARG B 77 -44.60 14.26 23.85
CA ARG B 77 -45.70 14.85 24.62
C ARG B 77 -47.05 14.60 23.96
N GLU B 78 -47.07 14.07 22.74
CA GLU B 78 -48.30 13.78 22.02
C GLU B 78 -49.05 12.58 22.61
N TYR B 79 -48.35 11.68 23.29
CA TYR B 79 -48.97 10.53 23.93
C TYR B 79 -49.45 10.87 25.34
N PHE B 80 -49.04 12.03 25.88
CA PHE B 80 -49.52 12.45 27.20
C PHE B 80 -51.04 12.58 27.18
N PRO B 81 -51.71 12.31 28.32
CA PRO B 81 -53.17 12.55 28.38
C PRO B 81 -53.46 14.02 28.14
N ALA B 82 -54.54 14.28 27.39
CA ALA B 82 -54.88 15.64 27.02
C ALA B 82 -54.98 16.55 28.26
N ASN B 83 -55.69 16.08 29.29
CA ASN B 83 -55.95 16.83 30.52
C ASN B 83 -54.75 16.97 31.47
N TYR B 84 -53.57 17.30 30.97
CA TYR B 84 -52.37 17.01 31.74
C TYR B 84 -51.82 18.27 32.39
N SER B 85 -51.52 18.18 33.69
CA SER B 85 -50.92 19.28 34.45
C SER B 85 -49.57 18.81 34.99
N ALA B 86 -48.48 19.38 34.47
CA ALA B 86 -47.14 19.12 34.98
C ALA B 86 -47.04 19.76 36.36
N HIS B 87 -46.92 18.94 37.41
CA HIS B 87 -46.73 19.45 38.77
C HIS B 87 -45.42 18.87 39.31
N GLY B 88 -44.31 19.36 38.73
CA GLY B 88 -43.01 18.74 38.85
C GLY B 88 -42.74 17.79 37.70
N ARG B 89 -41.51 17.28 37.66
CA ARG B 89 -41.26 16.12 36.82
C ARG B 89 -42.35 15.08 37.06
N PRO B 90 -42.88 14.45 36.02
CA PRO B 90 -43.92 13.46 36.26
C PRO B 90 -43.42 12.05 36.53
N ASN B 91 -44.21 11.38 37.35
CA ASN B 91 -44.37 9.93 37.32
C ASN B 91 -45.12 9.49 36.05
N ILE B 92 -44.96 8.21 35.72
CA ILE B 92 -45.47 7.73 34.45
C ILE B 92 -46.87 7.14 34.56
N LYS B 93 -47.36 6.83 35.78
CA LYS B 93 -48.76 6.39 35.95
C LYS B 93 -49.66 7.26 35.12
N ASP B 94 -49.38 8.55 35.22
CA ASP B 94 -50.22 9.64 34.81
C ASP B 94 -50.15 9.86 33.30
N VAL B 95 -49.09 9.38 32.69
CA VAL B 95 -48.79 9.69 31.31
C VAL B 95 -49.29 8.58 30.39
N LEU B 96 -49.11 7.33 30.79
CA LEU B 96 -49.49 6.20 29.94
C LEU B 96 -50.48 5.27 30.62
N ARG B 97 -51.29 4.60 29.81
CA ARG B 97 -52.18 3.56 30.31
C ARG B 97 -51.94 2.25 29.58
N GLU B 98 -52.03 1.14 30.31
CA GLU B 98 -52.07 -0.16 29.65
C GLU B 98 -53.07 -0.13 28.51
N GLY B 99 -52.62 -0.67 27.37
CA GLY B 99 -53.43 -0.83 26.18
C GLY B 99 -53.27 0.26 25.14
N GLN B 100 -52.51 1.31 25.44
CA GLN B 100 -52.34 2.43 24.53
C GLN B 100 -51.46 2.03 23.36
N GLU B 101 -51.88 2.39 22.15
CA GLU B 101 -51.06 2.24 20.95
C GLU B 101 -50.11 3.43 20.75
N VAL B 102 -48.87 3.12 20.37
CA VAL B 102 -47.77 4.08 20.24
C VAL B 102 -46.93 3.67 19.04
N ILE B 103 -46.37 4.65 18.35
CA ILE B 103 -45.34 4.39 17.34
C ILE B 103 -43.98 4.42 18.02
N VAL B 104 -43.23 3.31 17.90
CA VAL B 104 -41.97 3.11 18.61
C VAL B 104 -40.82 2.80 17.65
N GLN B 105 -39.62 3.19 18.09
CA GLN B 105 -38.40 2.87 17.38
C GLN B 105 -37.43 2.17 18.32
N ILE B 106 -36.60 1.31 17.75
CA ILE B 106 -35.63 0.53 18.53
C ILE B 106 -34.36 1.35 18.57
N ASP B 107 -33.90 1.74 19.77
CA ASP B 107 -32.64 2.47 19.80
C ASP B 107 -31.48 1.71 20.47
N LYS B 108 -31.74 0.63 21.20
CA LYS B 108 -30.74 -0.39 21.52
C LYS B 108 -31.37 -1.76 21.29
N GLU B 109 -30.60 -2.72 20.79
CA GLU B 109 -31.10 -4.09 20.62
C GLU B 109 -31.08 -4.88 21.95
N GLU B 110 -31.30 -6.19 21.89
CA GLU B 110 -31.56 -7.00 23.09
C GLU B 110 -30.27 -7.58 23.66
N ARG B 111 -30.10 -7.41 24.98
CA ARG B 111 -28.84 -7.58 25.66
C ARG B 111 -28.98 -8.78 26.59
N GLY B 112 -29.05 -9.97 26.01
CA GLY B 112 -29.24 -11.16 26.80
C GLY B 112 -30.70 -11.35 27.18
N ASN B 113 -31.01 -11.28 28.47
CA ASN B 113 -32.38 -11.45 28.95
C ASN B 113 -33.13 -10.12 29.13
N LYS B 114 -32.48 -8.98 28.89
CA LYS B 114 -33.19 -7.70 28.80
C LYS B 114 -33.88 -7.60 27.44
N GLY B 115 -34.88 -6.73 27.36
CA GLY B 115 -35.52 -6.50 26.07
C GLY B 115 -35.19 -5.14 25.49
N ALA B 116 -35.47 -4.95 24.20
CA ALA B 116 -34.98 -3.78 23.46
C ALA B 116 -35.49 -2.47 24.02
N ALA B 117 -34.57 -1.55 24.32
CA ALA B 117 -34.95 -0.18 24.68
C ALA B 117 -35.56 0.54 23.49
N LEU B 118 -36.62 1.30 23.75
CA LEU B 118 -37.44 1.95 22.74
C LEU B 118 -37.44 3.47 22.94
N THR B 119 -38.17 4.15 22.04
CA THR B 119 -38.36 5.59 22.09
C THR B 119 -39.53 5.94 21.19
N THR B 120 -40.31 6.93 21.60
CA THR B 120 -41.32 7.47 20.72
C THR B 120 -40.80 8.69 19.98
N PHE B 121 -39.53 9.04 20.20
CA PHE B 121 -38.86 10.09 19.44
C PHE B 121 -38.23 9.41 18.24
N ILE B 122 -38.97 9.45 17.21
CA ILE B 122 -38.59 8.80 15.98
C ILE B 122 -37.58 9.65 15.24
N SER B 123 -36.74 8.96 14.48
CA SER B 123 -35.69 9.55 13.69
C SER B 123 -35.60 8.78 12.37
N LEU B 124 -35.67 9.52 11.27
CA LEU B 124 -35.69 8.99 9.92
C LEU B 124 -34.45 9.50 9.21
N ALA B 125 -33.34 8.77 9.31
CA ALA B 125 -32.11 9.15 8.61
C ALA B 125 -32.13 8.87 7.12
N GLY B 126 -32.04 9.91 6.30
CA GLY B 126 -31.64 9.80 4.91
C GLY B 126 -30.13 9.82 4.72
N SER B 127 -29.70 10.02 3.46
CA SER B 127 -28.28 10.05 3.13
C SER B 127 -27.58 11.25 3.81
N TYR B 128 -28.25 12.41 3.81
CA TYR B 128 -27.69 13.70 4.21
C TYR B 128 -28.31 14.27 5.48
N LEU B 129 -29.58 13.97 5.77
CA LEU B 129 -30.35 14.58 6.83
C LEU B 129 -30.88 13.52 7.78
N VAL B 130 -31.28 13.91 8.99
CA VAL B 130 -32.02 13.05 9.92
C VAL B 130 -33.24 13.85 10.36
N LEU B 131 -34.40 13.62 9.74
CA LEU B 131 -35.64 14.27 10.18
C LEU B 131 -36.06 13.70 11.53
N MET B 132 -36.62 14.53 12.40
CA MET B 132 -37.03 14.07 13.73
C MET B 132 -38.39 14.58 14.16
N PRO B 133 -39.50 13.91 13.77
CA PRO B 133 -40.82 14.59 13.75
C PRO B 133 -41.51 14.73 15.12
N ASN B 134 -40.73 14.57 16.15
CA ASN B 134 -41.24 14.28 17.47
C ASN B 134 -40.51 14.99 18.58
N ASN B 135 -39.41 15.67 18.29
CA ASN B 135 -38.78 16.60 19.21
C ASN B 135 -38.27 17.75 18.35
N PRO B 136 -38.81 18.96 18.52
CA PRO B 136 -38.17 20.12 17.92
C PRO B 136 -36.96 20.56 18.71
N ARG B 137 -36.81 20.07 19.95
CA ARG B 137 -35.61 20.30 20.77
C ARG B 137 -34.34 19.74 20.12
N ALA B 138 -34.43 18.66 19.35
CA ALA B 138 -33.26 18.18 18.60
C ALA B 138 -32.99 19.05 17.38
N GLY B 139 -31.73 19.10 16.99
CA GLY B 139 -31.40 19.80 15.77
C GLY B 139 -29.91 20.10 15.67
N GLY B 140 -29.61 20.98 14.75
CA GLY B 140 -28.26 21.45 14.58
C GLY B 140 -27.51 20.59 13.60
N ILE B 141 -26.18 20.71 13.65
CA ILE B 141 -25.30 20.04 12.70
C ILE B 141 -24.42 19.10 13.48
N SER B 142 -23.85 18.12 12.76
CA SER B 142 -22.88 17.20 13.32
C SER B 142 -21.78 17.97 14.01
N ARG B 143 -21.01 17.32 14.90
CA ARG B 143 -19.86 18.02 15.45
C ARG B 143 -18.58 17.73 14.66
N ARG B 144 -18.61 16.81 13.69
CA ARG B 144 -17.47 16.56 12.82
C ARG B 144 -17.50 17.38 11.55
N ILE B 145 -18.17 18.54 11.56
CA ILE B 145 -18.10 19.54 10.50
C ILE B 145 -17.77 20.86 11.20
N GLU B 146 -16.57 21.36 10.96
CA GLU B 146 -16.13 22.66 11.44
C GLU B 146 -15.68 23.46 10.21
N GLY B 147 -15.67 24.78 10.36
CA GLY B 147 -15.10 25.67 9.37
C GLY B 147 -16.10 26.36 8.48
N ASP B 148 -15.59 26.91 7.38
CA ASP B 148 -16.49 27.44 6.35
C ASP B 148 -17.32 26.33 5.70
N ASP B 149 -17.04 25.06 6.01
CA ASP B 149 -17.94 23.94 5.69
C ASP B 149 -19.14 23.87 6.64
N ARG B 150 -18.94 24.28 7.91
CA ARG B 150 -20.05 24.34 8.87
C ARG B 150 -20.88 25.58 8.70
N THR B 151 -20.32 26.67 8.17
CA THR B 151 -21.24 27.78 7.96
C THR B 151 -21.95 27.64 6.62
N GLU B 152 -21.28 27.13 5.59
CA GLU B 152 -21.98 26.83 4.34
C GLU B 152 -23.12 25.85 4.55
N LEU B 153 -23.08 25.04 5.60
CA LEU B 153 -24.28 24.27 5.91
C LEU B 153 -25.33 25.13 6.58
N LYS B 154 -24.98 25.76 7.71
CA LYS B 154 -26.01 26.41 8.51
C LYS B 154 -26.84 27.38 7.67
N GLU B 155 -26.36 27.75 6.47
CA GLU B 155 -27.18 28.53 5.55
C GLU B 155 -28.14 27.63 4.77
N ALA B 156 -27.62 26.65 3.98
CA ALA B 156 -28.53 25.80 3.20
C ALA B 156 -29.48 25.03 4.10
N LEU B 157 -29.03 24.65 5.31
CA LEU B 157 -29.94 24.16 6.36
C LEU B 157 -31.07 25.15 6.68
N ALA B 158 -30.75 26.40 7.03
CA ALA B 158 -31.85 27.31 7.36
C ALA B 158 -32.63 27.80 6.12
N SER B 159 -32.39 27.33 4.88
CA SER B 159 -33.26 27.55 3.73
C SER B 159 -34.17 26.32 3.38
N LEU B 160 -34.43 25.44 4.35
CA LEU B 160 -35.23 24.24 4.14
C LEU B 160 -36.60 24.43 4.77
N GLU B 161 -37.64 23.94 4.08
CA GLU B 161 -39.03 24.18 4.47
C GLU B 161 -39.40 23.05 5.44
N LEU B 162 -39.11 23.27 6.71
CA LEU B 162 -39.20 22.29 7.79
C LEU B 162 -40.39 22.61 8.69
N PRO B 163 -41.38 21.71 8.80
CA PRO B 163 -42.63 22.06 9.52
C PRO B 163 -42.50 22.39 11.01
N GLU B 164 -43.63 22.79 11.60
CA GLU B 164 -43.62 23.41 12.93
C GLU B 164 -42.91 22.52 13.92
N GLY B 165 -43.50 21.37 14.22
CA GLY B 165 -43.15 20.62 15.42
C GLY B 165 -41.87 19.84 15.36
N MET B 166 -41.14 19.92 14.24
CA MET B 166 -40.14 18.95 13.86
C MET B 166 -38.72 19.43 14.11
N GLY B 167 -37.79 18.48 13.99
CA GLY B 167 -36.38 18.73 14.20
C GLY B 167 -35.56 18.06 13.09
N LEU B 168 -34.26 18.38 13.05
CA LEU B 168 -33.47 18.10 11.84
C LEU B 168 -31.98 18.19 12.13
N ILE B 169 -31.28 17.07 12.10
CA ILE B 169 -29.83 17.01 12.27
C ILE B 169 -29.19 16.86 10.89
N VAL B 170 -28.22 17.70 10.56
CA VAL B 170 -27.55 17.61 9.27
C VAL B 170 -26.34 16.75 9.49
N ARG B 171 -26.06 15.91 8.52
CA ARG B 171 -25.13 14.85 8.76
C ARG B 171 -23.79 15.23 8.18
N THR B 172 -22.79 14.46 8.61
CA THR B 172 -21.46 14.58 8.04
C THR B 172 -21.52 14.44 6.50
N ALA B 173 -22.16 13.41 5.98
CA ALA B 173 -22.10 13.20 4.54
C ALA B 173 -22.71 14.34 3.75
N GLY B 174 -23.40 15.28 4.41
CA GLY B 174 -24.08 16.36 3.72
C GLY B 174 -23.22 17.54 3.33
N VAL B 175 -22.00 17.66 3.88
CA VAL B 175 -21.18 18.85 3.69
C VAL B 175 -21.36 19.50 2.33
N GLY B 176 -20.92 18.82 1.29
CA GLY B 176 -20.84 19.51 0.02
C GLY B 176 -22.11 19.74 -0.75
N LYS B 177 -23.26 19.29 -0.25
CA LYS B 177 -24.44 19.10 -1.07
C LYS B 177 -25.20 20.40 -1.19
N SER B 178 -25.83 20.60 -2.34
CA SER B 178 -26.58 21.82 -2.62
C SER B 178 -27.90 21.90 -1.88
N ALA B 179 -28.43 23.11 -1.74
CA ALA B 179 -29.72 23.28 -1.08
C ALA B 179 -30.80 22.43 -1.75
N GLU B 180 -30.64 22.12 -3.05
CA GLU B 180 -31.68 21.38 -3.77
C GLU B 180 -31.65 19.88 -3.49
N ALA B 181 -30.47 19.31 -3.26
CA ALA B 181 -30.40 17.91 -2.82
C ALA B 181 -30.84 17.78 -1.38
N LEU B 182 -30.44 18.73 -0.50
CA LEU B 182 -30.93 18.71 0.86
C LEU B 182 -32.42 18.96 0.89
N GLN B 183 -32.92 19.88 0.06
CA GLN B 183 -34.35 20.10 0.03
C GLN B 183 -35.05 18.86 -0.50
N TRP B 184 -34.36 18.08 -1.34
CA TRP B 184 -35.04 16.90 -1.90
C TRP B 184 -35.01 15.74 -0.90
N ASP B 185 -33.89 15.51 -0.23
CA ASP B 185 -33.84 14.51 0.82
C ASP B 185 -34.89 14.78 1.90
N LEU B 186 -35.02 16.04 2.34
CA LEU B 186 -36.00 16.36 3.38
C LEU B 186 -37.42 16.01 2.94
N SER B 187 -37.81 16.46 1.74
CA SER B 187 -39.16 16.19 1.29
C SER B 187 -39.45 14.71 1.14
N PHE B 188 -38.43 13.84 1.19
CA PHE B 188 -38.63 12.40 1.11
C PHE B 188 -38.70 11.78 2.51
N ARG B 189 -38.02 12.38 3.50
CA ARG B 189 -38.18 11.97 4.90
C ARG B 189 -39.55 12.36 5.38
N LEU B 190 -40.06 13.52 4.93
CA LEU B 190 -41.41 13.95 5.27
C LEU B 190 -42.44 13.02 4.65
N LYS B 191 -42.36 12.80 3.34
CA LYS B 191 -43.35 11.92 2.75
C LYS B 191 -43.29 10.56 3.42
N HIS B 192 -42.10 10.17 3.83
CA HIS B 192 -42.01 8.90 4.52
C HIS B 192 -42.73 8.98 5.86
N TRP B 193 -42.59 10.10 6.57
CA TRP B 193 -43.23 10.23 7.87
C TRP B 193 -44.73 10.30 7.76
N GLU B 194 -45.26 10.67 6.61
CA GLU B 194 -46.71 10.64 6.48
C GLU B 194 -47.19 9.20 6.36
N ALA B 195 -46.65 8.45 5.37
CA ALA B 195 -46.89 7.00 5.25
C ALA B 195 -46.91 6.31 6.61
N ILE B 196 -45.89 6.56 7.42
CA ILE B 196 -45.79 5.92 8.73
C ILE B 196 -47.03 6.21 9.58
N LYS B 197 -47.47 7.47 9.62
CA LYS B 197 -48.64 7.80 10.41
C LYS B 197 -49.90 7.18 9.79
N LYS B 198 -49.97 7.14 8.45
CA LYS B 198 -51.11 6.54 7.76
C LYS B 198 -51.20 5.05 8.05
N ALA B 199 -50.05 4.38 8.09
CA ALA B 199 -50.02 2.95 8.30
C ALA B 199 -50.26 2.59 9.75
N ALA B 200 -49.80 3.40 10.69
CA ALA B 200 -50.12 3.15 12.10
C ALA B 200 -51.58 3.36 12.40
N GLU B 201 -52.28 4.20 11.63
CA GLU B 201 -53.71 4.44 11.85
C GLU B 201 -54.55 3.43 11.10
N SER B 202 -54.03 2.92 9.96
CA SER B 202 -54.71 1.95 9.11
C SER B 202 -54.81 0.55 9.70
N ARG B 203 -54.17 0.25 10.81
CA ARG B 203 -54.24 -1.11 11.36
C ARG B 203 -53.87 -1.18 12.84
N PRO B 204 -54.75 -1.61 13.68
CA PRO B 204 -54.50 -1.46 15.12
C PRO B 204 -53.81 -2.71 15.56
N ALA B 205 -52.70 -2.63 16.27
CA ALA B 205 -51.95 -3.84 16.32
C ALA B 205 -50.80 -3.76 17.23
N PRO B 206 -49.97 -4.82 17.19
CA PRO B 206 -48.51 -4.85 17.06
C PRO B 206 -48.14 -5.23 15.63
N PHE B 207 -47.48 -4.36 14.88
CA PHE B 207 -46.82 -4.76 13.64
C PHE B 207 -45.56 -3.91 13.40
N LEU B 208 -44.86 -4.31 12.32
CA LEU B 208 -43.66 -3.65 11.81
C LEU B 208 -44.06 -2.64 10.73
N ILE B 209 -43.64 -1.39 10.90
CA ILE B 209 -43.97 -0.30 9.99
C ILE B 209 -42.84 0.03 9.03
N HIS B 210 -41.58 -0.09 9.50
CA HIS B 210 -40.38 0.28 8.73
C HIS B 210 -39.22 -0.59 9.15
N GLN B 211 -38.46 -1.09 8.18
CA GLN B 211 -37.39 -2.05 8.47
C GLN B 211 -36.08 -1.39 8.05
N GLU B 212 -35.45 -0.66 8.98
CA GLU B 212 -34.39 0.26 8.59
C GLU B 212 -33.25 -0.46 7.90
N SER B 213 -32.95 -1.66 8.33
CA SER B 213 -31.75 -2.36 7.90
C SER B 213 -31.86 -3.03 6.51
N ASN B 214 -33.05 -3.04 5.89
CA ASN B 214 -33.35 -3.89 4.74
C ASN B 214 -32.50 -3.54 3.51
N VAL B 215 -32.10 -4.60 2.79
CA VAL B 215 -31.27 -4.42 1.59
C VAL B 215 -31.96 -3.52 0.57
N ILE B 216 -33.27 -3.65 0.39
CA ILE B 216 -33.93 -2.74 -0.57
C ILE B 216 -34.00 -1.30 -0.02
N VAL B 217 -34.39 -1.15 1.26
CA VAL B 217 -34.53 0.20 1.85
C VAL B 217 -33.21 0.97 1.82
N ARG B 218 -32.12 0.33 2.28
CA ARG B 218 -30.78 0.91 2.16
C ARG B 218 -30.42 1.28 0.72
N ALA B 219 -30.85 0.51 -0.28
CA ALA B 219 -30.50 0.89 -1.63
C ALA B 219 -31.27 2.10 -2.14
N PHE B 220 -32.48 2.36 -1.63
CA PHE B 220 -33.22 3.56 -2.05
C PHE B 220 -32.76 4.80 -1.31
N ARG B 221 -32.33 4.60 -0.07
CA ARG B 221 -31.85 5.70 0.71
C ARG B 221 -30.53 6.17 0.15
N ASP B 222 -29.69 5.21 -0.23
CA ASP B 222 -28.29 5.47 -0.54
C ASP B 222 -28.10 5.79 -1.99
N TYR B 223 -29.01 5.38 -2.88
CA TYR B 223 -28.81 5.73 -4.27
C TYR B 223 -30.06 6.22 -5.00
N LEU B 224 -31.25 6.07 -4.43
CA LEU B 224 -32.44 6.59 -5.12
C LEU B 224 -32.59 8.08 -4.83
N ARG B 225 -32.44 8.87 -5.88
CA ARG B 225 -31.99 10.25 -5.85
C ARG B 225 -32.94 11.05 -6.74
N GLN B 226 -32.76 12.38 -6.79
CA GLN B 226 -33.76 13.21 -7.48
C GLN B 226 -33.95 12.80 -8.94
N ASP B 227 -32.85 12.57 -9.67
CA ASP B 227 -32.89 12.46 -11.13
C ASP B 227 -32.84 11.02 -11.65
N ILE B 228 -33.37 10.04 -10.90
CA ILE B 228 -33.37 8.63 -11.30
C ILE B 228 -34.65 8.29 -12.06
N GLY B 229 -34.49 7.90 -13.33
CA GLY B 229 -35.60 7.76 -14.26
C GLY B 229 -36.36 6.46 -14.14
N GLU B 230 -35.66 5.34 -14.17
CA GLU B 230 -36.30 4.06 -13.88
C GLU B 230 -35.40 3.21 -13.01
N ILE B 231 -36.03 2.24 -12.42
CA ILE B 231 -35.36 1.21 -11.69
C ILE B 231 -35.73 -0.04 -12.47
N LEU B 232 -34.74 -0.62 -13.17
CA LEU B 232 -34.91 -1.82 -13.98
C LEU B 232 -34.44 -3.03 -13.19
N ILE B 233 -35.38 -3.88 -12.82
CA ILE B 233 -35.13 -5.02 -11.94
C ILE B 233 -35.32 -6.32 -12.75
N ASP B 234 -34.54 -7.35 -12.43
CA ASP B 234 -34.55 -8.57 -13.25
C ASP B 234 -34.88 -9.83 -12.42
N ASN B 235 -35.86 -9.66 -11.56
CA ASN B 235 -36.42 -10.70 -10.72
C ASN B 235 -37.81 -10.27 -10.31
N PRO B 236 -38.85 -11.10 -10.69
CA PRO B 236 -40.17 -10.61 -10.28
C PRO B 236 -40.30 -10.47 -8.79
N LYS B 237 -39.71 -11.38 -8.04
CA LYS B 237 -39.87 -11.33 -6.61
C LYS B 237 -39.35 -10.06 -6.02
N VAL B 238 -38.19 -9.62 -6.45
CA VAL B 238 -37.62 -8.41 -5.91
C VAL B 238 -38.49 -7.25 -6.29
N LEU B 239 -38.92 -7.28 -7.52
CA LEU B 239 -39.73 -6.20 -8.07
C LEU B 239 -41.00 -5.97 -7.28
N GLU B 240 -41.61 -7.03 -6.80
CA GLU B 240 -42.81 -6.89 -5.98
C GLU B 240 -42.48 -6.33 -4.61
N LEU B 241 -41.28 -6.62 -4.09
CA LEU B 241 -40.78 -5.97 -2.89
C LEU B 241 -40.43 -4.50 -3.14
N ALA B 242 -39.62 -4.23 -4.15
CA ALA B 242 -39.32 -2.86 -4.54
C ALA B 242 -40.57 -2.01 -4.51
N ARG B 243 -41.64 -2.49 -5.13
CA ARG B 243 -42.82 -1.65 -5.18
C ARG B 243 -43.46 -1.49 -3.82
N GLN B 244 -43.48 -2.55 -3.00
CA GLN B 244 -44.00 -2.36 -1.65
C GLN B 244 -43.17 -1.33 -0.87
N HIS B 245 -41.84 -1.33 -1.00
CA HIS B 245 -41.07 -0.42 -0.16
C HIS B 245 -41.20 1.03 -0.59
N ILE B 246 -41.23 1.29 -1.90
CA ILE B 246 -41.38 2.65 -2.41
C ILE B 246 -42.79 3.22 -2.09
N ALA B 247 -43.79 2.37 -1.87
CA ALA B 247 -45.10 2.86 -1.44
C ALA B 247 -45.10 3.22 0.04
N ALA B 248 -44.31 2.53 0.85
CA ALA B 248 -44.22 2.80 2.27
C ALA B 248 -43.23 3.90 2.60
N LEU B 249 -42.37 4.28 1.63
CA LEU B 249 -41.52 5.46 1.77
C LEU B 249 -42.24 6.70 1.30
N GLY B 250 -43.53 6.58 1.02
CA GLY B 250 -44.34 7.72 0.69
C GLY B 250 -44.08 8.31 -0.66
N ARG B 251 -43.29 7.66 -1.47
CA ARG B 251 -43.30 7.95 -2.89
C ARG B 251 -44.14 6.86 -3.55
N PRO B 252 -45.45 6.78 -3.27
CA PRO B 252 -46.23 5.64 -3.79
C PRO B 252 -46.58 5.77 -5.27
N ASP B 253 -46.27 6.94 -5.87
CA ASP B 253 -46.50 7.25 -7.27
C ASP B 253 -45.35 6.81 -8.18
N PHE B 254 -44.14 6.70 -7.61
CA PHE B 254 -42.97 6.23 -8.34
C PHE B 254 -43.08 4.75 -8.70
N SER B 255 -43.85 3.99 -7.91
CA SER B 255 -44.00 2.55 -8.07
C SER B 255 -44.04 2.11 -9.53
N SER B 256 -44.58 2.96 -10.40
CA SER B 256 -44.73 2.63 -11.82
C SER B 256 -43.41 2.69 -12.59
N LYS B 257 -42.45 3.56 -12.20
CA LYS B 257 -41.14 3.62 -12.85
C LYS B 257 -40.29 2.39 -12.60
N ILE B 258 -40.72 1.51 -11.69
CA ILE B 258 -39.93 0.37 -11.28
C ILE B 258 -40.33 -0.77 -12.24
N LYS B 259 -39.69 -0.78 -13.40
CA LYS B 259 -40.00 -1.69 -14.49
C LYS B 259 -39.35 -3.06 -14.26
N LEU B 260 -39.67 -4.00 -15.14
CA LEU B 260 -39.08 -5.34 -15.09
C LEU B 260 -38.09 -5.47 -16.24
N TYR B 261 -37.32 -6.55 -16.25
CA TYR B 261 -36.38 -6.82 -17.34
C TYR B 261 -36.56 -8.24 -17.80
N THR B 262 -36.85 -8.42 -19.10
CA THR B 262 -37.13 -9.72 -19.74
C THR B 262 -36.24 -9.87 -20.98
N GLY B 263 -34.99 -10.28 -20.76
CA GLY B 263 -34.06 -10.44 -21.86
C GLY B 263 -33.26 -11.71 -21.69
N GLU B 264 -32.72 -12.17 -22.82
CA GLU B 264 -31.89 -13.37 -22.80
C GLU B 264 -30.47 -12.95 -22.43
N ILE B 265 -30.09 -11.76 -22.87
CA ILE B 265 -28.85 -11.09 -22.53
C ILE B 265 -29.06 -10.60 -21.09
N PRO B 266 -28.19 -10.92 -20.12
CA PRO B 266 -28.44 -10.49 -18.74
C PRO B 266 -28.36 -8.98 -18.68
N LEU B 267 -28.88 -8.44 -17.57
CA LEU B 267 -29.17 -7.01 -17.51
C LEU B 267 -27.91 -6.17 -17.66
N PHE B 268 -26.93 -6.32 -16.74
CA PHE B 268 -25.73 -5.48 -16.81
C PHE B 268 -24.99 -5.63 -18.14
N SER B 269 -25.13 -6.78 -18.82
CA SER B 269 -24.49 -6.97 -20.12
C SER B 269 -25.32 -6.39 -21.25
N HIS B 270 -26.63 -6.24 -21.05
CA HIS B 270 -27.44 -5.44 -21.96
C HIS B 270 -27.02 -3.97 -21.89
N TYR B 271 -26.97 -3.37 -20.69
CA TYR B 271 -26.44 -1.99 -20.64
C TYR B 271 -24.93 -1.90 -20.85
N GLN B 272 -24.26 -3.00 -21.10
CA GLN B 272 -22.83 -3.02 -21.37
C GLN B 272 -22.11 -2.20 -20.32
N ILE B 273 -22.32 -2.59 -19.07
CA ILE B 273 -21.54 -2.06 -17.95
C ILE B 273 -20.69 -3.14 -17.30
N GLU B 274 -20.79 -4.40 -17.71
CA GLU B 274 -20.21 -5.43 -16.87
C GLU B 274 -18.70 -5.26 -16.79
N SER B 275 -18.07 -4.81 -17.87
CA SER B 275 -16.63 -4.61 -17.83
C SER B 275 -16.21 -3.48 -16.90
N GLN B 276 -17.09 -2.53 -16.61
CA GLN B 276 -16.67 -1.47 -15.71
C GLN B 276 -16.79 -1.92 -14.27
N ILE B 277 -17.73 -2.81 -13.97
CA ILE B 277 -17.81 -3.39 -12.63
C ILE B 277 -16.63 -4.31 -12.38
N GLU B 278 -16.05 -4.91 -13.43
CA GLU B 278 -14.87 -5.73 -13.16
C GLU B 278 -13.65 -4.87 -12.94
N SER B 279 -13.73 -3.61 -13.33
CA SER B 279 -12.65 -2.67 -13.09
C SER B 279 -12.47 -2.50 -11.57
N ALA B 280 -13.58 -2.57 -10.82
CA ALA B 280 -13.51 -2.37 -9.38
C ALA B 280 -12.76 -3.47 -8.64
N PHE B 281 -12.31 -4.54 -9.33
CA PHE B 281 -11.49 -5.55 -8.67
C PHE B 281 -10.11 -5.69 -9.29
N GLN B 282 -9.92 -5.19 -10.50
CA GLN B 282 -8.59 -4.97 -11.03
C GLN B 282 -7.81 -4.10 -10.02
N ARG B 283 -6.50 -4.37 -9.89
CA ARG B 283 -5.59 -3.49 -9.16
C ARG B 283 -5.13 -2.32 -10.00
N GLU B 284 -5.10 -2.44 -11.30
CA GLU B 284 -4.75 -1.36 -12.20
C GLU B 284 -5.94 -1.03 -13.10
N VAL B 285 -6.13 0.24 -13.38
CA VAL B 285 -7.27 0.75 -14.15
C VAL B 285 -6.75 1.61 -15.29
N ARG B 286 -7.19 1.37 -16.51
CA ARG B 286 -6.73 2.21 -17.61
C ARG B 286 -7.43 3.55 -17.56
N LEU B 287 -6.76 4.54 -18.12
CA LEU B 287 -7.29 5.87 -18.21
C LEU B 287 -7.61 6.23 -19.66
N PRO B 288 -8.47 7.22 -19.91
CA PRO B 288 -8.88 7.47 -21.30
C PRO B 288 -7.70 7.74 -22.20
N SER B 289 -6.76 8.55 -21.74
CA SER B 289 -5.61 8.99 -22.53
C SER B 289 -4.37 8.15 -22.23
N GLY B 290 -4.51 6.82 -22.16
CA GLY B 290 -3.38 5.90 -22.19
C GLY B 290 -2.57 5.80 -20.91
N GLY B 291 -3.00 6.43 -19.83
CA GLY B 291 -2.30 6.35 -18.57
C GLY B 291 -2.72 5.13 -17.77
N SER B 292 -2.62 5.24 -16.44
CA SER B 292 -3.16 4.22 -15.55
C SER B 292 -3.14 4.75 -14.10
N ILE B 293 -3.92 4.11 -13.22
CA ILE B 293 -3.82 4.31 -11.77
C ILE B 293 -3.67 2.93 -11.16
N VAL B 294 -3.05 2.87 -9.98
CA VAL B 294 -2.69 1.59 -9.39
C VAL B 294 -3.06 1.67 -7.91
N ILE B 295 -4.10 0.96 -7.49
CA ILE B 295 -4.60 1.03 -6.12
C ILE B 295 -4.06 -0.14 -5.32
N ASP B 296 -3.44 0.10 -4.17
CA ASP B 296 -2.84 -0.91 -3.33
C ASP B 296 -3.20 -0.65 -1.88
N SER B 297 -3.92 -1.61 -1.27
CA SER B 297 -4.36 -1.55 0.13
C SER B 297 -3.19 -1.79 1.11
N THR B 298 -3.37 -1.41 2.37
CA THR B 298 -2.31 -1.56 3.38
C THR B 298 -2.96 -1.66 4.76
N GLU B 299 -2.17 -2.07 5.76
CA GLU B 299 -2.73 -2.30 7.09
C GLU B 299 -3.56 -1.11 7.49
N ALA B 300 -3.02 0.10 7.27
CA ALA B 300 -3.55 1.35 7.81
C ALA B 300 -4.13 2.31 6.79
N LEU B 301 -3.61 2.36 5.56
CA LEU B 301 -4.08 3.32 4.55
C LEU B 301 -4.17 2.65 3.20
N THR B 302 -4.50 3.44 2.18
CA THR B 302 -4.74 2.94 0.84
C THR B 302 -3.96 3.85 -0.08
N ALA B 303 -3.39 3.34 -1.17
CA ALA B 303 -2.32 4.05 -1.85
C ALA B 303 -2.45 3.97 -3.36
N ILE B 304 -2.57 5.10 -4.02
CA ILE B 304 -2.83 5.14 -5.45
C ILE B 304 -1.61 5.77 -6.11
N ARG B 305 -1.12 5.16 -7.19
CA ARG B 305 -0.03 5.72 -7.96
C ARG B 305 -0.61 6.02 -9.32
N ILE B 306 -0.16 7.10 -9.93
CA ILE B 306 -0.52 7.43 -11.32
C ILE B 306 0.69 7.27 -12.23
N ASN B 307 0.41 6.85 -13.47
CA ASN B 307 1.37 6.52 -14.52
C ASN B 307 0.88 7.18 -15.81
N SER B 308 1.80 7.84 -16.57
CA SER B 308 1.39 8.57 -17.77
C SER B 308 1.42 7.67 -19.02
N ALA B 309 0.98 8.25 -20.15
CA ALA B 309 0.79 7.51 -21.39
C ALA B 309 1.98 6.62 -21.70
N ARG B 310 1.69 5.45 -22.28
CA ARG B 310 2.71 4.52 -22.75
C ARG B 310 3.94 5.25 -23.32
N ALA B 311 3.72 6.29 -24.11
CA ALA B 311 4.82 7.07 -24.66
C ALA B 311 4.34 8.49 -24.94
N THR B 312 5.30 9.44 -24.96
CA THR B 312 5.05 10.83 -25.34
C THR B 312 5.68 11.09 -26.71
N ARG B 313 4.84 11.18 -27.75
CA ARG B 313 5.34 11.43 -29.10
C ARG B 313 6.21 12.70 -29.12
N GLY B 314 5.79 13.75 -28.42
CA GLY B 314 6.53 14.99 -28.33
C GLY B 314 6.82 15.40 -26.89
N GLY B 315 7.52 16.53 -26.77
CA GLY B 315 8.00 16.97 -25.48
C GLY B 315 7.31 18.20 -24.89
N ASP B 316 5.99 18.31 -25.05
CA ASP B 316 5.22 19.17 -24.16
C ASP B 316 4.85 18.28 -22.98
N ILE B 317 5.90 17.91 -22.24
CA ILE B 317 5.80 16.98 -21.13
C ILE B 317 5.00 17.61 -19.99
N GLU B 318 4.83 18.95 -20.03
CA GLU B 318 4.08 19.72 -19.03
C GLU B 318 2.56 19.72 -19.24
N GLU B 319 2.09 19.31 -20.42
CA GLU B 319 0.66 19.20 -20.69
C GLU B 319 0.18 17.78 -20.82
N THR B 320 1.09 16.81 -20.93
CA THR B 320 0.75 15.40 -20.77
C THR B 320 0.68 15.01 -19.29
N ALA B 321 1.45 15.68 -18.42
CA ALA B 321 1.38 15.37 -16.99
C ALA B 321 0.15 15.96 -16.37
N PHE B 322 -0.12 17.22 -16.70
CA PHE B 322 -1.25 17.92 -16.11
C PHE B 322 -2.58 17.41 -16.65
N ASN B 323 -2.59 16.70 -17.79
CA ASN B 323 -3.82 16.03 -18.25
C ASN B 323 -4.02 14.67 -17.60
N THR B 324 -3.07 13.75 -17.77
CA THR B 324 -3.16 12.47 -17.06
C THR B 324 -3.58 12.65 -15.57
N ASN B 325 -3.14 13.74 -14.89
CA ASN B 325 -3.54 13.94 -13.49
C ASN B 325 -4.98 14.45 -13.33
N LEU B 326 -5.55 15.16 -14.31
CA LEU B 326 -6.98 15.49 -14.19
C LEU B 326 -7.86 14.26 -14.49
N GLU B 327 -7.44 13.38 -15.41
CA GLU B 327 -8.13 12.10 -15.63
C GLU B 327 -8.13 11.30 -14.34
N ALA B 328 -7.00 11.29 -13.64
CA ALA B 328 -6.84 10.46 -12.46
C ALA B 328 -7.77 10.94 -11.34
N ALA B 329 -7.91 12.26 -11.15
CA ALA B 329 -8.89 12.76 -10.20
C ALA B 329 -10.25 12.14 -10.47
N ASP B 330 -10.65 12.12 -11.74
CA ASP B 330 -11.97 11.65 -12.11
C ASP B 330 -12.10 10.15 -11.87
N GLU B 331 -11.14 9.37 -12.32
CA GLU B 331 -11.29 7.94 -12.17
C GLU B 331 -11.08 7.49 -10.74
N ILE B 332 -10.35 8.24 -9.93
CA ILE B 332 -10.23 7.88 -8.52
C ILE B 332 -11.54 8.13 -7.82
N ALA B 333 -12.05 9.36 -7.93
CA ALA B 333 -13.35 9.71 -7.36
C ALA B 333 -14.42 8.63 -7.66
N ARG B 334 -14.60 8.24 -8.92
CA ARG B 334 -15.46 7.10 -9.22
C ARG B 334 -15.02 5.87 -8.47
N GLN B 335 -13.82 5.41 -8.76
CA GLN B 335 -13.32 4.17 -8.18
C GLN B 335 -13.44 4.12 -6.66
N LEU B 336 -13.40 5.27 -5.97
CA LEU B 336 -13.70 5.27 -4.54
C LEU B 336 -15.13 4.84 -4.29
N ARG B 337 -16.06 5.36 -5.10
CA ARG B 337 -17.47 4.99 -4.96
C ARG B 337 -17.70 3.52 -5.24
N LEU B 338 -17.13 2.98 -6.32
CA LEU B 338 -17.47 1.63 -6.75
C LEU B 338 -17.03 0.57 -5.75
N ARG B 339 -15.99 0.83 -4.96
CA ARG B 339 -15.44 -0.17 -4.04
C ARG B 339 -15.90 0.10 -2.62
N ASP B 340 -16.60 1.20 -2.42
CA ASP B 340 -16.87 1.77 -1.10
C ASP B 340 -15.61 1.73 -0.20
N LEU B 341 -14.50 2.27 -0.73
CA LEU B 341 -13.26 2.42 0.03
C LEU B 341 -13.39 3.39 1.18
N GLY B 342 -12.97 2.95 2.36
CA GLY B 342 -12.99 3.79 3.53
C GLY B 342 -11.61 4.23 3.95
N GLY B 343 -11.57 4.99 5.04
CA GLY B 343 -10.37 5.31 5.76
C GLY B 343 -9.46 6.21 4.96
N LEU B 344 -8.15 6.13 5.27
CA LEU B 344 -7.18 7.05 4.70
C LEU B 344 -6.72 6.55 3.35
N ILE B 345 -6.73 7.43 2.38
CA ILE B 345 -6.24 7.20 1.02
C ILE B 345 -5.07 8.17 0.82
N VAL B 346 -4.09 7.78 0.00
CA VAL B 346 -2.92 8.58 -0.32
C VAL B 346 -2.66 8.49 -1.81
N ILE B 347 -2.56 9.62 -2.46
CA ILE B 347 -2.41 9.70 -3.90
C ILE B 347 -1.07 10.30 -4.24
N ARG B 348 -0.39 9.71 -5.23
CA ARG B 348 0.90 10.16 -5.73
C ARG B 348 0.70 10.58 -7.17
N PHE B 349 0.16 11.78 -7.36
CA PHE B 349 0.09 12.33 -8.70
C PHE B 349 1.50 12.48 -9.34
N ILE B 350 1.51 12.54 -10.68
CA ILE B 350 2.68 12.94 -11.46
C ILE B 350 3.13 14.29 -10.94
N ASP B 351 4.42 14.56 -10.96
CA ASP B 351 4.85 15.86 -10.50
C ASP B 351 4.56 16.89 -11.57
N MET B 352 4.00 17.99 -11.13
CA MET B 352 3.75 19.16 -11.94
C MET B 352 4.53 20.28 -11.28
N THR B 353 5.14 21.14 -12.07
CA THR B 353 5.99 22.13 -11.42
C THR B 353 5.20 23.38 -11.01
N PRO B 354 4.14 23.75 -11.74
CA PRO B 354 3.40 24.97 -11.35
C PRO B 354 2.40 24.75 -10.22
N VAL B 355 2.45 25.53 -9.12
CA VAL B 355 1.38 25.40 -8.12
C VAL B 355 0.00 25.68 -8.72
N ARG B 356 -0.09 26.54 -9.74
CA ARG B 356 -1.40 26.78 -10.37
C ARG B 356 -2.00 25.48 -10.93
N HIS B 357 -1.13 24.56 -11.42
CA HIS B 357 -1.60 23.24 -11.82
C HIS B 357 -1.90 22.34 -10.62
N GLN B 358 -1.16 22.47 -9.53
CA GLN B 358 -1.43 21.59 -8.40
C GLN B 358 -2.80 21.89 -7.78
N ARG B 359 -3.21 23.15 -7.79
CA ARG B 359 -4.52 23.49 -7.25
C ARG B 359 -5.61 23.10 -8.25
N ALA B 360 -5.33 23.28 -9.53
CA ALA B 360 -6.19 22.72 -10.58
C ALA B 360 -6.63 21.30 -10.28
N VAL B 361 -5.71 20.44 -9.86
CA VAL B 361 -6.04 19.01 -9.69
C VAL B 361 -6.84 18.81 -8.40
N GLU B 362 -6.30 19.24 -7.26
CA GLU B 362 -7.03 19.31 -5.99
C GLU B 362 -8.48 19.78 -6.22
N ASN B 363 -8.69 20.70 -7.17
CA ASN B 363 -10.02 21.28 -7.33
C ASN B 363 -10.92 20.34 -8.14
N ARG B 364 -10.42 19.83 -9.26
CA ARG B 364 -11.13 18.78 -9.97
C ARG B 364 -11.54 17.70 -9.02
N LEU B 365 -10.62 17.26 -8.17
CA LEU B 365 -10.90 16.12 -7.30
C LEU B 365 -11.91 16.47 -6.22
N ARG B 366 -11.96 17.72 -5.81
CA ARG B 366 -12.84 18.10 -4.70
C ARG B 366 -14.27 18.24 -5.21
N GLU B 367 -14.41 18.53 -6.51
CA GLU B 367 -15.64 18.65 -7.26
C GLU B 367 -16.22 17.27 -7.60
N ALA B 368 -15.35 16.30 -7.88
CA ALA B 368 -15.77 14.95 -8.24
C ALA B 368 -16.23 14.12 -7.03
N VAL B 369 -15.69 14.38 -5.84
CA VAL B 369 -16.12 13.64 -4.66
C VAL B 369 -17.32 14.36 -4.06
N ARG B 370 -17.83 15.35 -4.80
CA ARG B 370 -19.07 16.02 -4.39
C ARG B 370 -20.28 15.12 -4.60
N GLN B 371 -20.35 14.34 -5.72
CA GLN B 371 -21.56 13.54 -5.85
C GLN B 371 -21.49 12.23 -5.06
N ASP B 372 -20.43 12.05 -4.28
CA ASP B 372 -20.33 10.92 -3.37
C ASP B 372 -21.16 11.18 -2.09
N ARG B 373 -21.90 10.16 -1.67
CA ARG B 373 -22.71 10.23 -0.45
C ARG B 373 -21.88 10.17 0.80
N ALA B 374 -20.57 10.13 0.69
CA ALA B 374 -19.71 9.93 1.84
C ALA B 374 -18.82 11.16 1.98
N ARG B 375 -18.57 11.57 3.20
CA ARG B 375 -17.76 12.76 3.32
C ARG B 375 -16.29 12.43 3.04
N ILE B 376 -15.70 13.25 2.20
CA ILE B 376 -14.34 13.11 1.71
C ILE B 376 -13.64 14.44 1.95
N GLN B 377 -12.75 14.48 2.93
CA GLN B 377 -11.83 15.60 3.11
C GLN B 377 -10.58 15.33 2.27
N ILE B 378 -9.80 16.37 2.00
CA ILE B 378 -8.77 16.37 0.94
C ILE B 378 -7.70 17.39 1.29
N SER B 379 -6.43 17.01 1.26
CA SER B 379 -5.45 18.01 1.62
C SER B 379 -4.91 18.68 0.36
N HIS B 380 -3.71 19.21 0.43
CA HIS B 380 -3.00 19.81 -0.68
C HIS B 380 -1.91 18.85 -1.12
N ILE B 381 -1.65 18.81 -2.41
CA ILE B 381 -0.45 18.11 -2.88
C ILE B 381 0.73 18.71 -2.09
N SER B 382 1.37 17.88 -1.28
CA SER B 382 2.34 18.34 -0.28
C SER B 382 3.72 18.56 -0.91
N ARG B 383 4.70 18.95 -0.07
CA ARG B 383 6.07 19.08 -0.54
C ARG B 383 6.57 17.80 -1.25
N PHE B 384 6.05 16.62 -0.91
CA PHE B 384 6.59 15.44 -1.55
C PHE B 384 5.71 14.92 -2.72
N GLY B 385 4.74 15.70 -3.20
CA GLY B 385 3.95 15.32 -4.38
C GLY B 385 2.75 14.48 -4.07
N LEU B 386 2.56 14.13 -2.80
CA LEU B 386 1.50 13.27 -2.30
C LEU B 386 0.30 14.07 -1.82
N LEU B 387 -0.86 13.79 -2.40
CA LEU B 387 -2.10 14.30 -1.84
C LEU B 387 -2.66 13.29 -0.87
N GLU B 388 -2.76 13.63 0.41
CA GLU B 388 -3.55 12.89 1.40
C GLU B 388 -5.04 13.14 1.24
N MET B 389 -5.85 12.17 1.69
CA MET B 389 -7.31 12.37 1.71
C MET B 389 -7.99 11.27 2.53
N SER B 390 -9.14 11.61 3.10
CA SER B 390 -9.89 10.75 4.01
C SER B 390 -11.30 10.56 3.47
N ARG B 391 -11.79 9.30 3.47
CA ARG B 391 -13.19 9.00 3.13
C ARG B 391 -13.83 8.15 4.20
N GLN B 392 -15.15 8.27 4.28
CA GLN B 392 -15.93 7.85 5.43
C GLN B 392 -16.34 6.39 5.26
N ARG B 393 -16.29 5.61 6.34
CA ARG B 393 -16.69 4.20 6.27
C ARG B 393 -18.19 4.03 6.47
N LEU B 394 -18.87 3.76 5.36
CA LEU B 394 -20.30 3.47 5.32
C LEU B 394 -20.60 1.99 5.38
N SER B 395 -19.65 1.18 4.95
CA SER B 395 -19.82 -0.25 4.72
C SER B 395 -18.41 -0.82 4.79
N PRO B 396 -18.24 -2.06 5.20
CA PRO B 396 -16.99 -2.72 4.84
C PRO B 396 -16.87 -2.65 3.34
N SER B 397 -15.65 -2.59 2.86
CA SER B 397 -15.42 -2.27 1.47
C SER B 397 -15.55 -3.51 0.59
N LEU B 398 -15.30 -3.32 -0.70
CA LEU B 398 -15.44 -4.41 -1.65
C LEU B 398 -14.38 -5.47 -1.38
N GLY B 399 -13.11 -5.11 -1.47
CA GLY B 399 -12.01 -6.01 -1.09
C GLY B 399 -11.89 -6.33 0.39
N GLU B 400 -12.87 -5.92 1.20
CA GLU B 400 -12.97 -6.39 2.56
C GLU B 400 -13.95 -7.55 2.68
N SER B 401 -15.11 -7.44 2.03
CA SER B 401 -16.12 -8.50 2.02
C SER B 401 -15.77 -9.67 1.09
N SER B 402 -15.46 -9.37 -0.19
CA SER B 402 -15.25 -10.39 -1.21
C SER B 402 -13.77 -10.65 -1.49
N HIS B 403 -12.91 -10.53 -0.47
CA HIS B 403 -11.49 -10.86 -0.59
C HIS B 403 -11.00 -11.45 0.72
N HIS B 404 -9.96 -12.27 0.61
CA HIS B 404 -9.29 -12.77 1.81
C HIS B 404 -7.77 -12.69 1.58
N VAL B 405 -6.95 -13.21 2.49
CA VAL B 405 -5.52 -12.90 2.51
C VAL B 405 -4.77 -14.00 1.76
N CYS B 406 -3.95 -13.58 0.81
CA CYS B 406 -3.21 -14.50 -0.01
C CYS B 406 -2.44 -15.45 0.90
N PRO B 407 -2.46 -16.77 0.65
CA PRO B 407 -1.73 -17.67 1.56
C PRO B 407 -0.23 -17.85 1.29
N ARG B 408 0.27 -17.73 0.06
CA ARG B 408 1.70 -17.93 -0.19
C ARG B 408 2.48 -17.05 0.76
N CYS B 409 2.55 -15.76 0.42
CA CYS B 409 2.84 -14.69 1.36
C CYS B 409 1.59 -14.38 2.15
N SER B 410 1.74 -14.10 3.44
CA SER B 410 0.59 -13.73 4.26
C SER B 410 0.31 -12.22 4.16
N GLY B 411 -0.03 -11.74 2.98
CA GLY B 411 -0.36 -10.34 2.75
C GLY B 411 0.76 -9.56 2.09
N THR B 412 1.98 -10.05 2.13
CA THR B 412 3.13 -9.23 1.75
C THR B 412 2.94 -8.61 0.38
N GLY B 413 2.78 -9.45 -0.62
CA GLY B 413 2.98 -9.10 -2.01
C GLY B 413 4.19 -9.79 -2.60
N THR B 414 5.07 -10.28 -1.72
CA THR B 414 6.38 -10.82 -2.11
C THR B 414 6.63 -12.08 -1.30
N VAL B 415 7.42 -12.95 -1.89
CA VAL B 415 8.00 -14.08 -1.19
C VAL B 415 9.51 -13.94 -1.30
N ARG B 416 10.19 -14.47 -0.28
CA ARG B 416 11.64 -14.37 -0.24
C ARG B 416 12.20 -15.21 -1.38
N ASP B 417 13.20 -14.65 -2.07
CA ASP B 417 13.93 -15.33 -3.14
C ASP B 417 14.54 -16.64 -2.67
N ASN B 418 14.91 -17.50 -3.60
CA ASN B 418 15.36 -18.80 -3.16
C ASN B 418 16.84 -18.74 -2.78
N GLU B 419 17.64 -17.88 -3.45
CA GLU B 419 19.03 -17.72 -3.03
C GLU B 419 19.14 -17.04 -1.66
N SER B 420 18.23 -16.11 -1.34
CA SER B 420 18.32 -15.42 -0.06
C SER B 420 17.97 -16.35 1.09
N LEU B 421 17.23 -17.41 0.82
CA LEU B 421 16.62 -18.22 1.88
C LEU B 421 17.39 -19.50 2.12
N SER B 422 18.02 -20.03 1.07
CA SER B 422 19.00 -21.08 1.24
C SER B 422 20.10 -20.61 2.17
N LEU B 423 20.71 -19.47 1.83
CA LEU B 423 21.86 -18.99 2.59
C LEU B 423 21.49 -18.71 4.04
N SER B 424 20.22 -18.40 4.33
CA SER B 424 19.85 -18.29 5.73
C SER B 424 19.83 -19.66 6.37
N ILE B 425 19.07 -20.60 5.77
CA ILE B 425 19.06 -21.99 6.24
C ILE B 425 20.48 -22.51 6.43
N LEU B 426 21.33 -22.24 5.44
CA LEU B 426 22.72 -22.73 5.45
C LEU B 426 23.53 -22.20 6.62
N ARG B 427 23.13 -21.05 7.22
CA ARG B 427 23.82 -20.59 8.44
C ARG B 427 23.29 -21.27 9.68
N LEU B 428 22.00 -21.59 9.70
CA LEU B 428 21.39 -22.23 10.86
C LEU B 428 21.79 -23.69 10.96
N ILE B 429 22.21 -24.27 9.85
CA ILE B 429 22.83 -25.60 9.84
C ILE B 429 24.21 -25.51 10.41
N GLU B 430 24.98 -24.52 9.96
CA GLU B 430 26.31 -24.31 10.51
C GLU B 430 26.28 -23.94 11.99
N GLU B 431 25.20 -23.36 12.49
CA GLU B 431 25.11 -23.22 13.94
C GLU B 431 24.89 -24.58 14.61
N GLU B 432 23.73 -25.20 14.41
CA GLU B 432 23.41 -26.48 15.04
C GLU B 432 24.60 -27.45 14.99
N ALA B 433 25.27 -27.51 13.84
CA ALA B 433 26.36 -28.45 13.60
C ALA B 433 27.65 -28.11 14.36
N LEU B 434 27.76 -26.91 14.96
CA LEU B 434 28.95 -26.54 15.73
C LEU B 434 28.90 -27.04 17.16
N LYS B 435 27.74 -27.47 17.61
CA LYS B 435 27.52 -27.73 19.01
C LYS B 435 28.21 -29.02 19.48
N GLU B 436 28.44 -29.08 20.81
CA GLU B 436 29.11 -30.19 21.45
C GLU B 436 28.21 -31.41 21.52
N ASN B 437 26.92 -31.19 21.73
CA ASN B 437 26.00 -32.31 21.84
C ASN B 437 25.95 -33.18 20.57
N THR B 438 26.45 -32.70 19.42
CA THR B 438 25.84 -32.96 18.12
C THR B 438 26.57 -34.00 17.25
N GLN B 439 25.78 -34.77 16.47
CA GLN B 439 26.23 -35.85 15.58
C GLN B 439 25.75 -35.69 14.14
N GLU B 440 24.44 -35.54 13.94
CA GLU B 440 23.91 -35.17 12.62
C GLU B 440 23.25 -33.80 12.74
N VAL B 441 22.84 -33.23 11.61
CA VAL B 441 21.88 -32.13 11.58
C VAL B 441 21.04 -32.26 10.32
N HIS B 442 19.73 -32.04 10.45
CA HIS B 442 18.76 -32.38 9.39
C HIS B 442 17.93 -31.17 8.98
N ALA B 443 18.04 -30.75 7.72
CA ALA B 443 17.19 -29.71 7.17
C ALA B 443 16.12 -30.33 6.28
N ILE B 444 14.87 -29.96 6.52
CA ILE B 444 13.76 -30.37 5.66
C ILE B 444 13.25 -29.10 4.97
N VAL B 445 13.50 -28.97 3.66
CA VAL B 445 13.34 -27.69 2.97
C VAL B 445 12.55 -27.91 1.68
N PRO B 446 11.91 -26.85 1.18
CA PRO B 446 11.21 -26.95 -0.11
C PRO B 446 12.06 -27.54 -1.20
N VAL B 447 11.41 -28.19 -2.15
CA VAL B 447 12.14 -28.90 -3.21
C VAL B 447 13.18 -27.98 -3.88
N PRO B 448 12.85 -26.81 -4.38
CA PRO B 448 13.86 -26.00 -5.08
C PRO B 448 14.92 -25.40 -4.16
N ILE B 449 14.65 -25.27 -2.86
CA ILE B 449 15.72 -24.85 -1.93
C ILE B 449 16.81 -25.94 -1.83
N ALA B 450 16.41 -27.19 -1.69
CA ALA B 450 17.42 -28.22 -1.64
C ALA B 450 18.13 -28.33 -2.96
N SER B 451 17.39 -28.23 -4.07
CA SER B 451 18.06 -28.14 -5.36
C SER B 451 19.16 -27.10 -5.36
N TYR B 452 19.02 -26.04 -4.56
CA TYR B 452 20.00 -24.94 -4.58
C TYR B 452 21.15 -25.24 -3.63
N LEU B 453 20.84 -25.56 -2.37
CA LEU B 453 21.86 -25.87 -1.38
C LEU B 453 22.82 -26.96 -1.85
N LEU B 454 22.31 -27.99 -2.53
CA LEU B 454 23.07 -29.18 -2.85
C LEU B 454 23.69 -29.14 -4.24
N ASN B 455 23.54 -28.03 -4.96
CA ASN B 455 24.13 -27.88 -6.30
C ASN B 455 25.03 -26.65 -6.37
N GLU B 456 24.46 -25.44 -6.26
CA GLU B 456 25.25 -24.21 -6.23
C GLU B 456 26.07 -24.12 -4.95
N LYS B 457 25.45 -24.41 -3.82
CA LYS B 457 26.12 -24.41 -2.54
C LYS B 457 26.65 -25.79 -2.14
N ARG B 458 26.87 -26.67 -3.12
CA ARG B 458 27.36 -27.99 -2.75
C ARG B 458 28.64 -27.87 -1.94
N SER B 459 29.65 -27.16 -2.50
CA SER B 459 30.95 -27.03 -1.84
C SER B 459 30.80 -26.40 -0.47
N ALA B 460 29.85 -25.49 -0.30
CA ALA B 460 29.70 -24.91 1.01
C ALA B 460 29.12 -25.87 2.03
N VAL B 461 28.45 -26.94 1.60
CA VAL B 461 27.96 -27.92 2.57
C VAL B 461 29.06 -28.90 2.91
N ASN B 462 29.82 -29.32 1.89
CA ASN B 462 30.99 -30.14 2.12
C ASN B 462 31.90 -29.48 3.17
N ALA B 463 32.23 -28.20 2.96
CA ALA B 463 33.02 -27.46 3.92
C ALA B 463 32.44 -27.51 5.34
N ILE B 464 31.11 -27.45 5.49
CA ILE B 464 30.55 -27.55 6.84
C ILE B 464 30.79 -28.92 7.43
N GLU B 465 30.99 -29.93 6.57
CA GLU B 465 31.23 -31.29 7.05
C GLU B 465 32.71 -31.57 7.30
N THR B 466 33.61 -31.12 6.40
CA THR B 466 35.03 -31.41 6.54
C THR B 466 35.66 -30.63 7.69
N ARG B 467 35.05 -29.51 8.10
CA ARG B 467 35.42 -28.77 9.30
C ARG B 467 35.00 -29.50 10.56
N GLN B 468 33.73 -29.34 10.87
CA GLN B 468 33.18 -30.11 11.96
C GLN B 468 33.33 -31.59 11.61
N ASP B 469 34.37 -32.18 12.20
CA ASP B 469 34.81 -33.53 11.88
C ASP B 469 33.92 -34.52 12.62
N GLY B 470 33.36 -35.46 11.88
CA GLY B 470 32.44 -36.41 12.47
C GLY B 470 31.01 -35.94 12.62
N VAL B 471 30.57 -34.93 11.84
CA VAL B 471 29.19 -34.47 11.84
C VAL B 471 28.63 -34.55 10.41
N ARG B 472 27.41 -35.06 10.28
CA ARG B 472 26.72 -35.25 9.01
C ARG B 472 25.64 -34.19 8.82
N CYS B 473 25.52 -33.71 7.58
CA CYS B 473 24.53 -32.70 7.25
C CYS B 473 23.63 -33.24 6.14
N VAL B 474 22.39 -33.54 6.46
CA VAL B 474 21.45 -34.11 5.51
C VAL B 474 20.42 -33.04 5.18
N ILE B 475 20.26 -32.78 3.88
CA ILE B 475 19.32 -31.79 3.38
C ILE B 475 18.39 -32.55 2.45
N VAL B 476 17.13 -32.68 2.86
CA VAL B 476 16.16 -33.56 2.23
C VAL B 476 15.10 -32.68 1.55
N PRO B 477 14.88 -32.82 0.24
CA PRO B 477 13.77 -32.09 -0.42
C PRO B 477 12.43 -32.54 0.14
N ASN B 478 11.42 -31.69 -0.06
CA ASN B 478 10.08 -32.05 0.41
C ASN B 478 8.98 -31.39 -0.43
N ASP B 479 8.30 -32.24 -1.21
CA ASP B 479 7.15 -31.83 -2.00
C ASP B 479 6.18 -30.97 -1.18
N GLN B 480 6.02 -31.30 0.10
CA GLN B 480 4.88 -30.88 0.93
C GLN B 480 5.01 -29.47 1.46
N MET B 481 6.05 -28.76 1.03
CA MET B 481 6.60 -27.64 1.76
C MET B 481 6.91 -26.58 0.72
N GLU B 482 6.45 -25.32 0.97
CA GLU B 482 6.30 -24.29 -0.05
C GLU B 482 7.33 -23.19 0.13
N THR B 483 7.30 -22.20 -0.83
CA THR B 483 8.23 -21.06 -0.98
C THR B 483 8.90 -20.60 0.30
N PRO B 484 8.21 -20.60 1.51
CA PRO B 484 8.82 -19.98 2.70
C PRO B 484 9.19 -20.91 3.85
N HIS B 485 8.49 -22.02 4.05
CA HIS B 485 8.61 -22.80 5.28
C HIS B 485 9.83 -23.73 5.27
N TYR B 486 10.28 -24.14 6.45
CA TYR B 486 11.36 -25.13 6.51
C TYR B 486 11.52 -25.61 7.96
N HIS B 487 12.43 -26.58 8.17
CA HIS B 487 12.85 -27.10 9.49
C HIS B 487 14.34 -27.44 9.53
N VAL B 488 15.01 -27.10 10.64
CA VAL B 488 16.42 -27.48 10.86
C VAL B 488 16.54 -28.12 12.23
N LEU B 489 16.80 -29.42 12.26
CA LEU B 489 16.73 -30.25 13.45
C LEU B 489 18.08 -30.91 13.68
N ARG B 490 18.36 -31.23 14.93
CA ARG B 490 19.68 -31.68 15.34
C ARG B 490 19.56 -33.06 15.98
N VAL B 491 20.70 -33.75 16.15
CA VAL B 491 20.72 -35.13 16.64
C VAL B 491 21.88 -35.35 17.61
N ARG B 492 21.59 -35.40 18.91
CA ARG B 492 22.65 -35.53 19.92
C ARG B 492 23.37 -36.86 19.72
N LYS B 493 24.69 -36.88 19.98
CA LYS B 493 25.49 -38.11 19.81
C LYS B 493 24.90 -39.32 20.50
N GLY B 494 24.68 -40.37 19.71
CA GLY B 494 24.38 -41.68 20.23
C GLY B 494 23.08 -42.22 19.66
N GLU B 495 22.18 -41.31 19.28
CA GLU B 495 20.80 -41.66 18.96
C GLU B 495 20.55 -41.41 17.47
N GLU B 496 21.07 -42.28 16.64
CA GLU B 496 20.78 -42.26 15.23
C GLU B 496 19.88 -43.44 14.91
N THR B 497 19.41 -43.47 13.67
CA THR B 497 18.80 -44.64 13.10
C THR B 497 19.40 -44.75 11.71
N PRO B 498 19.35 -45.93 11.10
CA PRO B 498 19.71 -46.03 9.68
C PRO B 498 18.67 -45.38 8.77
N THR B 499 17.73 -44.63 9.37
CA THR B 499 16.65 -43.99 8.65
C THR B 499 17.20 -43.26 7.45
N LEU B 500 16.94 -43.82 6.26
CA LEU B 500 17.27 -43.18 4.99
C LEU B 500 16.84 -41.72 4.95
N SER B 501 17.34 -40.98 3.95
CA SER B 501 17.19 -39.54 3.90
C SER B 501 15.82 -39.11 3.37
N TYR B 502 15.24 -39.84 2.41
CA TYR B 502 13.88 -39.55 1.94
C TYR B 502 12.77 -40.05 2.87
N MET B 503 13.05 -41.00 3.76
CA MET B 503 12.09 -41.42 4.79
C MET B 503 12.30 -40.65 6.08
N LEU B 504 13.17 -39.66 6.05
CA LEU B 504 13.47 -38.88 7.24
C LEU B 504 12.46 -37.78 7.48
N PRO B 505 11.80 -37.26 6.44
CA PRO B 505 10.66 -36.37 6.72
C PRO B 505 9.57 -37.05 7.52
N LYS B 506 9.15 -38.28 7.14
CA LYS B 506 8.02 -38.92 7.81
C LYS B 506 8.39 -39.32 9.24
N LEU B 507 9.62 -39.78 9.47
CA LEU B 507 10.07 -39.94 10.85
C LEU B 507 9.85 -38.67 11.66
N HIS B 508 10.56 -37.59 11.32
CA HIS B 508 10.46 -36.37 12.12
C HIS B 508 9.05 -35.77 12.09
N GLU B 509 8.37 -35.79 10.93
CA GLU B 509 6.97 -35.41 10.90
C GLU B 509 6.18 -36.14 11.99
N GLU B 510 6.19 -37.48 11.93
CA GLU B 510 5.52 -38.32 12.94
C GLU B 510 6.00 -38.02 14.36
N ALA B 511 7.15 -37.38 14.51
CA ALA B 511 7.63 -36.87 15.80
C ALA B 511 7.41 -35.36 15.88
#